data_5H2R
#
_entry.id   5H2R
#
_cell.length_a   97.756
_cell.length_b   97.756
_cell.length_c   120.783
_cell.angle_alpha   90.00
_cell.angle_beta   90.00
_cell.angle_gamma   120.00
#
_symmetry.space_group_name_H-M   'P 31 2 1'
#
loop_
_entity.id
_entity.type
_entity.pdbx_description
1 polymer Phosphodiesterase
2 non-polymer 'ZINC ION'
3 non-polymer 'MAGNESIUM ION'
4 non-polymer (4~{a}~{S},8~{a}~{R})-2-cycloheptyl-4-[4-(2-hydroxyethyloxy)-3-[2-(2-oxidanylideneimidazolidin-1-yl)ethoxy]phenyl]-4~{a},5,8,8~{a}-tetrahydrophthalazin-1-one
5 water water
#
_entity_poly.entity_id   1
_entity_poly.type   'polypeptide(L)'
_entity_poly.pdbx_seq_one_letter_code
;GSHMVTAITNREREAVLRIEFPNVDVTDIDFDLFQARESTDKPLDVAAAIAYRLLLGSGLPQKFGCSDEVLLNFILQCRK
KYRNVPYHNFYHVVDVCQTIYTFLYRGNVYEKLTELECFVLLITALVHDLDHMGLNNSFYLKTESPLGILSSASGNKSVL
EVHHCNLAVEILSDPESDVFGGLEGAERTLAFRSMIDCVLATDMARHSEFLEKYLELMKTSYNVDDSDHRQMTMDVLMKA
GDISNVTKPFDISRQWAMAVTEEFYRQGDMEKERGVEVLPMFDRSKNMELAKGQIGFIDFVAAPFFQKIVDACLQGMQWT
VDRTKSNRAQWERVLEA
;
_entity_poly.pdbx_strand_id   A,B
#
# COMPACT_ATOMS: atom_id res chain seq x y z
N ALA A 7 7.19 -7.61 -15.82
CA ALA A 7 6.70 -8.54 -16.83
C ALA A 7 7.28 -9.96 -16.65
N ILE A 8 6.65 -10.95 -17.30
CA ILE A 8 7.04 -12.37 -17.24
C ILE A 8 7.89 -12.76 -18.48
N THR A 9 8.87 -13.69 -18.31
CA THR A 9 9.67 -14.21 -19.43
C THR A 9 8.87 -15.34 -20.09
N ASN A 10 9.10 -15.61 -21.38
CA ASN A 10 8.35 -16.66 -22.10
C ASN A 10 8.71 -18.08 -21.61
N ARG A 11 9.93 -18.29 -21.08
CA ARG A 11 10.37 -19.59 -20.55
C ARG A 11 9.55 -19.87 -19.27
N GLU A 12 9.32 -18.83 -18.46
CA GLU A 12 8.54 -18.90 -17.22
C GLU A 12 7.08 -19.32 -17.50
N ARG A 13 6.40 -18.63 -18.47
CA ARG A 13 5.02 -18.94 -18.89
C ARG A 13 4.87 -20.36 -19.46
N GLU A 14 5.82 -20.74 -20.34
CA GLU A 14 5.75 -22.04 -21.00
C GLU A 14 6.03 -23.20 -20.06
N ALA A 15 6.85 -22.96 -19.00
CA ALA A 15 7.19 -23.95 -17.99
C ALA A 15 5.96 -24.35 -17.16
N VAL A 16 4.93 -23.49 -17.12
CA VAL A 16 3.67 -23.70 -16.41
C VAL A 16 2.59 -24.21 -17.36
N LEU A 17 2.51 -23.62 -18.56
CA LEU A 17 1.54 -23.92 -19.64
C LEU A 17 1.56 -25.39 -20.03
N ARG A 18 2.76 -25.99 -20.10
CA ARG A 18 2.94 -27.38 -20.51
C ARG A 18 2.47 -28.41 -19.45
N ILE A 19 2.12 -27.99 -18.23
CA ILE A 19 1.73 -28.97 -17.21
C ILE A 19 0.23 -29.32 -17.26
N GLU A 20 -0.07 -30.60 -17.39
CA GLU A 20 -1.47 -31.05 -17.39
C GLU A 20 -1.69 -32.12 -16.32
N PHE A 21 -2.96 -32.29 -15.88
CA PHE A 21 -3.37 -33.24 -14.85
C PHE A 21 -4.48 -34.22 -15.35
N PRO A 22 -4.26 -35.01 -16.43
CA PRO A 22 -5.32 -35.94 -16.86
C PRO A 22 -5.68 -37.07 -15.87
N ASN A 23 -4.71 -37.54 -15.06
CA ASN A 23 -4.94 -38.65 -14.12
C ASN A 23 -5.08 -38.22 -12.65
N VAL A 24 -5.03 -36.90 -12.37
CA VAL A 24 -5.14 -36.35 -11.03
C VAL A 24 -6.22 -35.25 -11.01
N ASP A 25 -7.35 -35.52 -10.35
CA ASP A 25 -8.45 -34.56 -10.26
C ASP A 25 -8.15 -33.44 -9.26
N VAL A 26 -7.96 -32.22 -9.77
CA VAL A 26 -7.65 -31.02 -8.97
C VAL A 26 -8.91 -30.40 -8.31
N THR A 27 -10.12 -30.88 -8.68
CA THR A 27 -11.40 -30.42 -8.12
C THR A 27 -11.86 -31.24 -6.90
N ASP A 28 -11.18 -32.35 -6.59
CA ASP A 28 -11.55 -33.26 -5.51
C ASP A 28 -11.27 -32.74 -4.10
N ILE A 29 -12.15 -33.08 -3.11
CA ILE A 29 -11.93 -32.71 -1.71
C ILE A 29 -10.76 -33.51 -1.11
N ASP A 30 -10.37 -34.63 -1.75
CA ASP A 30 -9.26 -35.46 -1.31
C ASP A 30 -7.96 -35.08 -2.05
N PHE A 31 -7.98 -33.98 -2.83
CA PHE A 31 -6.78 -33.56 -3.58
C PHE A 31 -5.61 -33.33 -2.64
N ASP A 32 -4.45 -33.89 -2.99
CA ASP A 32 -3.25 -33.86 -2.17
C ASP A 32 -2.15 -33.02 -2.85
N LEU A 33 -2.06 -31.74 -2.46
CA LEU A 33 -1.09 -30.80 -3.00
C LEU A 33 0.37 -31.21 -2.62
N PHE A 34 0.56 -31.79 -1.41
CA PHE A 34 1.86 -32.27 -0.93
C PHE A 34 2.42 -33.35 -1.87
N GLN A 35 1.58 -34.30 -2.30
CA GLN A 35 1.98 -35.31 -3.26
C GLN A 35 2.27 -34.70 -4.67
N ALA A 36 1.43 -33.72 -5.11
CA ALA A 36 1.60 -33.00 -6.38
C ALA A 36 2.96 -32.26 -6.40
N ARG A 37 3.33 -31.63 -5.28
CA ARG A 37 4.61 -30.94 -5.08
C ARG A 37 5.77 -31.97 -5.10
N GLU A 38 5.65 -33.00 -4.26
CA GLU A 38 6.68 -34.03 -4.04
C GLU A 38 7.00 -34.91 -5.26
N SER A 39 6.05 -35.06 -6.23
CA SER A 39 6.19 -35.91 -7.42
C SER A 39 6.69 -35.18 -8.66
N THR A 40 7.32 -34.02 -8.47
CA THR A 40 7.90 -33.21 -9.54
C THR A 40 9.19 -32.61 -9.02
N ASP A 41 10.05 -32.18 -9.93
CA ASP A 41 11.28 -31.43 -9.64
C ASP A 41 10.98 -29.90 -9.86
N LYS A 42 9.72 -29.54 -10.21
CA LYS A 42 9.30 -28.13 -10.40
C LYS A 42 8.00 -27.83 -9.60
N PRO A 43 8.03 -27.94 -8.25
CA PRO A 43 6.80 -27.73 -7.46
C PRO A 43 6.14 -26.35 -7.61
N LEU A 44 6.90 -25.26 -7.84
CA LEU A 44 6.30 -23.92 -8.04
C LEU A 44 5.58 -23.83 -9.39
N ASP A 45 6.08 -24.55 -10.40
CA ASP A 45 5.43 -24.60 -11.72
C ASP A 45 4.12 -25.43 -11.61
N VAL A 46 4.17 -26.57 -10.94
CA VAL A 46 3.02 -27.45 -10.73
C VAL A 46 1.95 -26.72 -9.90
N ALA A 47 2.36 -25.99 -8.82
CA ALA A 47 1.44 -25.19 -8.00
C ALA A 47 0.71 -24.12 -8.87
N ALA A 48 1.47 -23.38 -9.72
CA ALA A 48 0.90 -22.39 -10.66
C ALA A 48 -0.03 -23.06 -11.69
N ALA A 49 0.36 -24.25 -12.23
CA ALA A 49 -0.49 -24.96 -13.19
C ALA A 49 -1.79 -25.47 -12.55
N ILE A 50 -1.76 -25.86 -11.25
CA ILE A 50 -2.98 -26.31 -10.53
C ILE A 50 -3.97 -25.15 -10.54
N ALA A 51 -3.53 -23.94 -10.12
CA ALA A 51 -4.41 -22.77 -10.09
C ALA A 51 -4.93 -22.42 -11.47
N TYR A 52 -4.03 -22.38 -12.48
CA TYR A 52 -4.35 -22.06 -13.87
C TYR A 52 -5.38 -23.01 -14.45
N ARG A 53 -5.07 -24.32 -14.43
CA ARG A 53 -5.98 -25.35 -14.97
C ARG A 53 -7.29 -25.43 -14.19
N LEU A 54 -7.23 -25.26 -12.84
CA LEU A 54 -8.44 -25.26 -12.02
C LEU A 54 -9.39 -24.14 -12.50
N LEU A 55 -8.88 -22.92 -12.61
CA LEU A 55 -9.64 -21.75 -13.05
CA LEU A 55 -9.64 -21.74 -13.05
C LEU A 55 -10.10 -21.83 -14.50
N LEU A 56 -9.21 -22.24 -15.44
CA LEU A 56 -9.64 -22.36 -16.84
C LEU A 56 -10.70 -23.46 -17.03
N GLY A 57 -10.52 -24.57 -16.29
CA GLY A 57 -11.44 -25.71 -16.30
C GLY A 57 -12.84 -25.38 -15.85
N SER A 58 -13.00 -24.37 -14.97
CA SER A 58 -14.30 -23.94 -14.46
C SER A 58 -15.14 -23.18 -15.49
N GLY A 59 -14.48 -22.53 -16.45
CA GLY A 59 -15.13 -21.70 -17.45
C GLY A 59 -15.37 -20.28 -16.97
N LEU A 60 -14.96 -19.94 -15.73
CA LEU A 60 -15.22 -18.61 -15.16
C LEU A 60 -14.40 -17.47 -15.79
N PRO A 61 -13.05 -17.57 -15.95
CA PRO A 61 -12.29 -16.44 -16.54
C PRO A 61 -12.83 -16.03 -17.91
N GLN A 62 -13.12 -17.04 -18.75
CA GLN A 62 -13.65 -16.93 -20.10
C GLN A 62 -14.98 -16.15 -20.09
N LYS A 63 -15.85 -16.42 -19.08
CA LYS A 63 -17.12 -15.71 -18.89
C LYS A 63 -16.98 -14.24 -18.52
N PHE A 64 -15.85 -13.83 -17.92
CA PHE A 64 -15.65 -12.44 -17.50
C PHE A 64 -14.56 -11.73 -18.30
N GLY A 65 -14.32 -12.25 -19.49
CA GLY A 65 -13.38 -11.63 -20.43
C GLY A 65 -11.94 -11.63 -20.00
N CYS A 66 -11.57 -12.61 -19.19
CA CYS A 66 -10.21 -12.81 -18.74
C CYS A 66 -9.57 -13.87 -19.64
N SER A 67 -8.68 -13.42 -20.53
CA SER A 67 -7.98 -14.27 -21.51
C SER A 67 -7.05 -15.23 -20.79
N ASP A 68 -6.69 -16.35 -21.45
CA ASP A 68 -5.76 -17.36 -20.91
C ASP A 68 -4.41 -16.70 -20.53
N GLU A 69 -3.87 -15.83 -21.41
CA GLU A 69 -2.58 -15.13 -21.16
C GLU A 69 -2.61 -14.26 -19.93
N VAL A 70 -3.66 -13.46 -19.76
CA VAL A 70 -3.84 -12.54 -18.62
C VAL A 70 -3.95 -13.35 -17.33
N LEU A 71 -4.76 -14.43 -17.33
CA LEU A 71 -4.91 -15.28 -16.15
C LEU A 71 -3.53 -15.90 -15.77
N LEU A 72 -2.80 -16.39 -16.78
CA LEU A 72 -1.49 -16.98 -16.53
C LEU A 72 -0.51 -15.93 -16.04
N ASN A 73 -0.51 -14.72 -16.64
CA ASN A 73 0.35 -13.62 -16.18
C ASN A 73 0.07 -13.24 -14.75
N PHE A 74 -1.23 -13.17 -14.40
CA PHE A 74 -1.66 -12.83 -13.06
C PHE A 74 -1.15 -13.83 -12.02
N ILE A 75 -1.29 -15.13 -12.28
CA ILE A 75 -0.82 -16.18 -11.36
C ILE A 75 0.70 -16.07 -11.16
N LEU A 76 1.44 -15.83 -12.25
CA LEU A 76 2.90 -15.71 -12.16
C LEU A 76 3.32 -14.46 -11.41
N GLN A 77 2.60 -13.33 -11.62
CA GLN A 77 2.89 -12.11 -10.84
C GLN A 77 2.63 -12.35 -9.36
N CYS A 78 1.52 -13.08 -9.00
CA CYS A 78 1.22 -13.42 -7.60
C CYS A 78 2.39 -14.27 -7.04
N ARG A 79 2.80 -15.34 -7.79
CA ARG A 79 3.83 -16.28 -7.38
C ARG A 79 5.13 -15.59 -7.01
N LYS A 80 5.54 -14.58 -7.80
CA LYS A 80 6.77 -13.78 -7.56
C LYS A 80 6.75 -13.07 -6.23
N LYS A 81 5.55 -12.70 -5.72
CA LYS A 81 5.38 -11.99 -4.46
C LYS A 81 5.18 -12.91 -3.24
N TYR A 82 5.31 -14.24 -3.43
CA TYR A 82 5.26 -15.22 -2.35
C TYR A 82 6.68 -15.61 -2.00
N ARG A 83 6.96 -15.63 -0.72
CA ARG A 83 8.29 -15.86 -0.13
C ARG A 83 8.57 -17.31 0.29
N ASN A 84 9.87 -17.64 0.47
CA ASN A 84 10.31 -18.96 0.88
C ASN A 84 10.22 -19.07 2.41
N VAL A 85 9.00 -19.22 2.93
CA VAL A 85 8.68 -19.38 4.35
C VAL A 85 8.00 -20.76 4.53
N PRO A 86 7.98 -21.38 5.74
CA PRO A 86 7.45 -22.75 5.84
C PRO A 86 5.95 -22.92 5.55
N TYR A 87 5.12 -21.93 5.93
CA TYR A 87 3.65 -22.01 5.76
C TYR A 87 3.05 -20.99 4.78
N HIS A 88 3.23 -19.67 5.03
CA HIS A 88 2.65 -18.64 4.16
C HIS A 88 3.44 -18.42 2.83
N ASN A 89 3.65 -19.53 2.09
CA ASN A 89 4.33 -19.53 0.81
C ASN A 89 3.28 -19.68 -0.29
N PHE A 90 3.68 -19.76 -1.58
CA PHE A 90 2.74 -19.90 -2.70
C PHE A 90 1.80 -21.10 -2.58
N TYR A 91 2.28 -22.22 -1.98
CA TYR A 91 1.48 -23.45 -1.86
C TYR A 91 0.21 -23.26 -1.01
N HIS A 92 0.29 -22.43 0.04
CA HIS A 92 -0.81 -22.09 0.91
C HIS A 92 -1.95 -21.44 0.11
N VAL A 93 -1.63 -20.44 -0.74
CA VAL A 93 -2.67 -19.73 -1.50
C VAL A 93 -3.26 -20.61 -2.59
N VAL A 94 -2.43 -21.51 -3.16
CA VAL A 94 -2.92 -22.43 -4.18
C VAL A 94 -3.88 -23.41 -3.51
N ASP A 95 -3.49 -23.84 -2.29
CA ASP A 95 -4.31 -24.71 -1.48
C ASP A 95 -5.65 -24.04 -1.13
N VAL A 96 -5.63 -22.78 -0.67
CA VAL A 96 -6.84 -22.04 -0.32
C VAL A 96 -7.78 -21.91 -1.54
N CYS A 97 -7.22 -21.60 -2.71
CA CYS A 97 -7.94 -21.46 -3.98
C CYS A 97 -8.68 -22.78 -4.31
N GLN A 98 -7.92 -23.89 -4.32
CA GLN A 98 -8.42 -25.25 -4.59
C GLN A 98 -9.52 -25.63 -3.60
N THR A 99 -9.31 -25.33 -2.30
CA THR A 99 -10.26 -25.62 -1.23
C THR A 99 -11.56 -24.84 -1.38
N ILE A 100 -11.49 -23.52 -1.63
CA ILE A 100 -12.67 -22.68 -1.84
C ILE A 100 -13.46 -23.20 -3.05
N TYR A 101 -12.76 -23.63 -4.11
CA TYR A 101 -13.38 -24.24 -5.28
C TYR A 101 -14.31 -25.40 -4.82
N THR A 102 -13.77 -26.29 -3.96
CA THR A 102 -14.53 -27.43 -3.46
C THR A 102 -15.70 -27.01 -2.64
N PHE A 103 -15.58 -25.92 -1.86
CA PHE A 103 -16.70 -25.40 -1.07
C PHE A 103 -17.80 -24.93 -1.98
N LEU A 104 -17.43 -24.19 -3.03
CA LEU A 104 -18.37 -23.67 -4.03
C LEU A 104 -19.09 -24.77 -4.82
N TYR A 105 -18.33 -25.71 -5.40
CA TYR A 105 -18.86 -26.66 -6.37
C TYR A 105 -19.06 -28.09 -5.85
N ARG A 106 -18.54 -28.44 -4.67
CA ARG A 106 -18.82 -29.78 -4.12
C ARG A 106 -19.78 -29.58 -2.96
N GLY A 107 -19.67 -28.44 -2.27
CA GLY A 107 -20.53 -28.06 -1.14
C GLY A 107 -21.72 -27.19 -1.50
N ASN A 108 -21.93 -26.93 -2.82
CA ASN A 108 -23.03 -26.17 -3.43
C ASN A 108 -23.17 -24.72 -2.96
N VAL A 109 -22.08 -24.09 -2.47
CA VAL A 109 -22.18 -22.69 -2.06
C VAL A 109 -22.33 -21.75 -3.30
N TYR A 110 -21.98 -22.23 -4.52
CA TYR A 110 -22.18 -21.45 -5.76
C TYR A 110 -23.63 -20.95 -5.91
N GLU A 111 -24.61 -21.69 -5.32
CA GLU A 111 -26.03 -21.30 -5.37
C GLU A 111 -26.29 -20.02 -4.60
N LYS A 112 -25.45 -19.73 -3.57
CA LYS A 112 -25.58 -18.55 -2.70
C LYS A 112 -24.82 -17.32 -3.24
N LEU A 113 -24.06 -17.49 -4.34
CA LEU A 113 -23.29 -16.36 -4.89
C LEU A 113 -23.44 -16.28 -6.40
N THR A 114 -23.25 -15.09 -6.98
CA THR A 114 -23.27 -14.95 -8.44
C THR A 114 -21.98 -15.57 -9.00
N GLU A 115 -21.98 -15.89 -10.30
CA GLU A 115 -20.84 -16.46 -11.02
C GLU A 115 -19.64 -15.55 -10.90
N LEU A 116 -19.87 -14.22 -11.03
CA LEU A 116 -18.84 -13.21 -10.88
C LEU A 116 -18.18 -13.31 -9.51
N GLU A 117 -18.99 -13.43 -8.43
CA GLU A 117 -18.48 -13.55 -7.04
C GLU A 117 -17.69 -14.83 -6.80
N CYS A 118 -18.04 -15.94 -7.48
CA CYS A 118 -17.29 -17.20 -7.44
C CYS A 118 -15.93 -16.95 -8.09
N PHE A 119 -15.89 -16.25 -9.26
CA PHE A 119 -14.64 -15.90 -9.96
C PHE A 119 -13.79 -15.02 -9.06
N VAL A 120 -14.40 -13.96 -8.48
CA VAL A 120 -13.67 -13.05 -7.59
C VAL A 120 -13.05 -13.82 -6.40
N LEU A 121 -13.82 -14.72 -5.75
CA LEU A 121 -13.32 -15.52 -4.63
C LEU A 121 -12.08 -16.33 -4.97
N LEU A 122 -12.10 -17.03 -6.10
CA LEU A 122 -10.97 -17.87 -6.52
C LEU A 122 -9.74 -17.03 -6.79
N ILE A 123 -9.94 -15.87 -7.46
CA ILE A 123 -8.87 -14.88 -7.68
C ILE A 123 -8.33 -14.37 -6.33
N THR A 124 -9.25 -13.97 -5.42
CA THR A 124 -8.90 -13.43 -4.08
C THR A 124 -8.05 -14.40 -3.26
N ALA A 125 -8.34 -15.69 -3.32
CA ALA A 125 -7.56 -16.72 -2.62
C ALA A 125 -6.09 -16.62 -3.00
N LEU A 126 -5.80 -16.32 -4.29
CA LEU A 126 -4.43 -16.26 -4.78
C LEU A 126 -3.66 -15.01 -4.35
N VAL A 127 -4.36 -13.94 -3.96
CA VAL A 127 -3.73 -12.67 -3.55
C VAL A 127 -3.77 -12.44 -2.02
N HIS A 128 -4.55 -13.27 -1.28
CA HIS A 128 -4.91 -13.01 0.11
C HIS A 128 -3.72 -12.95 1.11
N ASP A 129 -2.52 -13.47 0.77
CA ASP A 129 -1.33 -13.41 1.63
C ASP A 129 -0.09 -12.88 0.96
N LEU A 130 -0.24 -12.04 -0.11
CA LEU A 130 0.90 -11.52 -0.87
C LEU A 130 1.98 -10.92 0.01
N ASP A 131 3.23 -11.36 -0.21
CA ASP A 131 4.45 -10.89 0.47
C ASP A 131 4.49 -11.14 1.98
N HIS A 132 3.82 -12.21 2.45
CA HIS A 132 3.84 -12.61 3.85
C HIS A 132 5.30 -13.05 4.12
N MET A 133 5.86 -12.63 5.29
CA MET A 133 7.25 -12.92 5.71
CA MET A 133 7.25 -12.93 5.71
C MET A 133 7.32 -14.01 6.78
N GLY A 134 6.16 -14.63 7.08
CA GLY A 134 6.08 -15.67 8.08
C GLY A 134 6.02 -15.09 9.49
N LEU A 135 5.68 -13.80 9.58
CA LEU A 135 5.56 -13.02 10.80
C LEU A 135 4.13 -12.51 10.89
N ASN A 136 3.48 -12.66 12.05
CA ASN A 136 2.08 -12.23 12.22
C ASN A 136 1.93 -10.71 12.43
N ASN A 137 0.67 -10.19 12.51
CA ASN A 137 0.41 -8.75 12.72
C ASN A 137 1.09 -8.23 13.99
N SER A 138 0.96 -9.00 15.10
CA SER A 138 1.52 -8.65 16.41
C SER A 138 3.03 -8.38 16.39
N PHE A 139 3.78 -9.15 15.58
CA PHE A 139 5.23 -8.99 15.41
C PHE A 139 5.57 -7.57 14.94
N TYR A 140 4.87 -7.09 13.90
CA TYR A 140 5.08 -5.77 13.32
C TYR A 140 4.85 -4.66 14.30
N LEU A 141 3.82 -4.80 15.13
CA LEU A 141 3.45 -3.81 16.14
C LEU A 141 4.40 -3.79 17.34
N LYS A 142 4.74 -4.98 17.88
CA LYS A 142 5.65 -5.14 19.03
C LYS A 142 7.04 -4.58 18.74
N THR A 143 7.57 -4.84 17.53
CA THR A 143 8.92 -4.44 17.09
C THR A 143 8.98 -3.04 16.46
N GLU A 144 7.81 -2.40 16.24
CA GLU A 144 7.69 -1.04 15.63
C GLU A 144 8.35 -1.02 14.25
N SER A 145 8.06 -2.07 13.50
CA SER A 145 8.55 -2.26 12.14
C SER A 145 7.89 -1.24 11.22
N PRO A 146 8.58 -0.82 10.13
CA PRO A 146 7.96 0.13 9.19
C PRO A 146 6.52 -0.18 8.80
N LEU A 147 6.17 -1.46 8.54
CA LEU A 147 4.79 -1.83 8.21
C LEU A 147 3.80 -1.64 9.38
N GLY A 148 4.29 -1.85 10.61
CA GLY A 148 3.52 -1.67 11.83
C GLY A 148 3.23 -0.20 12.08
N ILE A 149 4.28 0.64 11.89
CA ILE A 149 4.24 2.09 12.01
C ILE A 149 3.23 2.62 10.98
N LEU A 150 3.34 2.15 9.71
CA LEU A 150 2.46 2.51 8.61
C LEU A 150 0.98 2.28 9.00
N SER A 151 0.68 1.07 9.55
CA SER A 151 -0.64 0.63 10.01
C SER A 151 -1.17 1.52 11.15
N SER A 152 -0.37 1.71 12.22
CA SER A 152 -0.68 2.56 13.38
C SER A 152 -1.08 3.99 12.95
N ALA A 153 -0.22 4.67 12.17
CA ALA A 153 -0.43 6.04 11.71
C ALA A 153 -1.62 6.18 10.77
N SER A 154 -1.85 5.19 9.90
CA SER A 154 -3.00 5.19 9.00
C SER A 154 -4.29 4.72 9.68
N GLY A 155 -4.17 4.17 10.89
CA GLY A 155 -5.31 3.70 11.68
C GLY A 155 -5.93 2.40 11.22
N ASN A 156 -5.20 1.59 10.46
CA ASN A 156 -5.70 0.29 9.98
C ASN A 156 -4.89 -0.81 10.69
N LYS A 157 -5.46 -1.41 11.76
CA LYS A 157 -4.82 -2.42 12.62
C LYS A 157 -4.45 -3.78 11.96
N SER A 158 -5.06 -4.11 10.80
CA SER A 158 -4.76 -5.36 10.10
C SER A 158 -3.51 -5.11 9.24
N VAL A 159 -2.33 -5.06 9.90
CA VAL A 159 -1.05 -4.72 9.29
C VAL A 159 -0.77 -5.46 7.96
N LEU A 160 -0.81 -6.78 7.97
CA LEU A 160 -0.50 -7.58 6.80
C LEU A 160 -1.60 -7.54 5.76
N GLU A 161 -2.86 -7.63 6.20
CA GLU A 161 -4.03 -7.68 5.30
C GLU A 161 -4.16 -6.45 4.40
N VAL A 162 -3.86 -5.23 4.94
CA VAL A 162 -3.87 -4.00 4.14
C VAL A 162 -2.72 -4.11 3.13
N HIS A 163 -1.57 -4.61 3.60
CA HIS A 163 -0.39 -4.80 2.77
C HIS A 163 -0.74 -5.74 1.62
N HIS A 164 -1.45 -6.87 1.91
CA HIS A 164 -1.86 -7.86 0.90
C HIS A 164 -2.74 -7.24 -0.18
N CYS A 165 -3.69 -6.34 0.25
CA CYS A 165 -4.58 -5.61 -0.64
C CYS A 165 -3.80 -4.65 -1.55
N ASN A 166 -2.83 -3.90 -0.96
CA ASN A 166 -2.02 -2.92 -1.73
C ASN A 166 -1.34 -3.64 -2.88
N LEU A 167 -0.71 -4.82 -2.60
CA LEU A 167 -0.01 -5.59 -3.63
C LEU A 167 -0.96 -6.18 -4.66
N ALA A 168 -2.17 -6.62 -4.25
CA ALA A 168 -3.17 -7.15 -5.19
C ALA A 168 -3.55 -6.06 -6.21
N VAL A 169 -3.80 -4.84 -5.72
CA VAL A 169 -4.19 -3.67 -6.52
C VAL A 169 -3.06 -3.33 -7.49
N GLU A 170 -1.82 -3.42 -7.00
CA GLU A 170 -0.65 -3.18 -7.83
C GLU A 170 -0.54 -4.21 -8.99
N ILE A 171 -0.68 -5.54 -8.70
CA ILE A 171 -0.62 -6.56 -9.77
C ILE A 171 -1.70 -6.28 -10.81
N LEU A 172 -2.91 -6.01 -10.34
CA LEU A 172 -4.09 -5.72 -11.18
C LEU A 172 -4.02 -4.38 -11.93
N SER A 173 -3.11 -3.47 -11.54
CA SER A 173 -2.93 -2.18 -12.22
C SER A 173 -2.29 -2.34 -13.62
N ASP A 174 -1.58 -3.46 -13.86
CA ASP A 174 -0.93 -3.83 -15.12
C ASP A 174 -1.97 -4.53 -16.00
N PRO A 175 -2.33 -3.93 -17.18
CA PRO A 175 -3.35 -4.55 -18.05
C PRO A 175 -3.06 -6.00 -18.43
N GLU A 176 -1.77 -6.39 -18.55
CA GLU A 176 -1.38 -7.75 -18.91
C GLU A 176 -1.64 -8.78 -17.81
N SER A 177 -1.95 -8.33 -16.59
CA SER A 177 -2.27 -9.23 -15.49
C SER A 177 -3.56 -8.80 -14.79
N ASP A 178 -4.39 -7.98 -15.45
CA ASP A 178 -5.65 -7.55 -14.84
C ASP A 178 -6.73 -8.57 -15.19
N VAL A 179 -6.97 -9.52 -14.28
CA VAL A 179 -8.00 -10.56 -14.46
C VAL A 179 -9.39 -9.95 -14.40
N PHE A 180 -9.52 -8.70 -13.93
CA PHE A 180 -10.79 -7.98 -13.87
C PHE A 180 -10.88 -6.93 -15.03
N GLY A 181 -9.89 -6.92 -15.93
CA GLY A 181 -9.80 -5.99 -17.04
C GLY A 181 -10.90 -6.14 -18.08
N GLY A 182 -11.54 -7.31 -18.09
CA GLY A 182 -12.64 -7.66 -18.98
C GLY A 182 -14.01 -7.27 -18.48
N LEU A 183 -14.09 -6.74 -17.24
CA LEU A 183 -15.33 -6.25 -16.63
C LEU A 183 -15.44 -4.74 -16.78
N GLU A 184 -16.65 -4.20 -16.55
CA GLU A 184 -16.95 -2.78 -16.64
C GLU A 184 -17.97 -2.35 -15.57
N GLY A 185 -18.00 -1.04 -15.27
CA GLY A 185 -18.95 -0.42 -14.35
C GLY A 185 -19.16 -1.10 -13.01
N ALA A 186 -20.45 -1.36 -12.66
CA ALA A 186 -20.80 -1.99 -11.38
C ALA A 186 -20.03 -3.29 -11.15
N GLU A 187 -19.84 -4.11 -12.23
CA GLU A 187 -19.13 -5.40 -12.17
C GLU A 187 -17.69 -5.27 -11.69
N ARG A 188 -16.95 -4.33 -12.30
CA ARG A 188 -15.54 -4.07 -11.96
C ARG A 188 -15.38 -3.55 -10.52
N THR A 189 -16.24 -2.58 -10.11
CA THR A 189 -16.25 -2.04 -8.75
C THR A 189 -16.47 -3.19 -7.79
N LEU A 190 -17.51 -4.04 -8.05
CA LEU A 190 -17.82 -5.20 -7.22
C LEU A 190 -16.60 -6.10 -7.10
N ALA A 191 -15.90 -6.38 -8.23
CA ALA A 191 -14.73 -7.28 -8.24
C ALA A 191 -13.62 -6.79 -7.31
N PHE A 192 -13.26 -5.49 -7.39
CA PHE A 192 -12.26 -4.94 -6.48
C PHE A 192 -12.77 -4.84 -5.04
N ARG A 193 -13.98 -4.25 -4.82
CA ARG A 193 -14.57 -4.11 -3.49
C ARG A 193 -14.67 -5.44 -2.73
N SER A 194 -15.22 -6.48 -3.37
CA SER A 194 -15.37 -7.84 -2.81
C SER A 194 -14.02 -8.46 -2.48
N MET A 195 -13.04 -8.38 -3.41
CA MET A 195 -11.69 -8.92 -3.18
C MET A 195 -11.06 -8.27 -1.92
N ILE A 196 -11.06 -6.94 -1.86
CA ILE A 196 -10.49 -6.15 -0.77
C ILE A 196 -11.16 -6.51 0.56
N ASP A 197 -12.50 -6.51 0.60
CA ASP A 197 -13.26 -6.90 1.79
C ASP A 197 -12.95 -8.32 2.25
N CYS A 198 -12.85 -9.30 1.31
CA CYS A 198 -12.49 -10.70 1.63
C CYS A 198 -11.12 -10.80 2.26
N VAL A 199 -10.13 -10.11 1.67
CA VAL A 199 -8.75 -10.12 2.20
C VAL A 199 -8.75 -9.49 3.60
N LEU A 200 -9.42 -8.35 3.78
CA LEU A 200 -9.49 -7.71 5.11
C LEU A 200 -10.17 -8.61 6.18
N ALA A 201 -11.13 -9.44 5.74
CA ALA A 201 -11.82 -10.41 6.59
C ALA A 201 -10.92 -11.56 7.07
N THR A 202 -9.71 -11.73 6.49
CA THR A 202 -8.82 -12.84 6.89
C THR A 202 -8.01 -12.56 8.16
N ASP A 203 -8.06 -11.32 8.67
CA ASP A 203 -7.36 -10.98 9.91
C ASP A 203 -8.09 -11.73 11.07
N MET A 204 -7.40 -12.73 11.66
CA MET A 204 -7.97 -13.56 12.75
C MET A 204 -8.27 -12.82 14.05
N ALA A 205 -7.72 -11.59 14.21
CA ALA A 205 -8.05 -10.75 15.35
C ALA A 205 -9.54 -10.33 15.22
N ARG A 206 -10.13 -10.48 13.99
CA ARG A 206 -11.53 -10.14 13.68
C ARG A 206 -12.39 -11.40 13.45
N HIS A 207 -11.87 -12.60 13.77
CA HIS A 207 -12.55 -13.88 13.55
C HIS A 207 -14.00 -13.91 14.08
N SER A 208 -14.18 -13.64 15.39
CA SER A 208 -15.51 -13.68 16.03
C SER A 208 -16.41 -12.55 15.54
N GLU A 209 -15.84 -11.40 15.12
CA GLU A 209 -16.58 -10.27 14.57
C GLU A 209 -17.26 -10.70 13.26
N PHE A 210 -16.46 -11.19 12.30
CA PHE A 210 -16.99 -11.67 11.02
C PHE A 210 -17.95 -12.82 11.17
N LEU A 211 -17.61 -13.83 12.00
CA LEU A 211 -18.47 -14.98 12.22
C LEU A 211 -19.82 -14.58 12.81
N GLU A 212 -19.83 -13.67 13.82
CA GLU A 212 -21.09 -13.26 14.43
C GLU A 212 -21.87 -12.26 13.55
N LYS A 213 -21.19 -11.44 12.71
CA LYS A 213 -21.91 -10.56 11.78
C LYS A 213 -22.69 -11.44 10.77
N TYR A 214 -22.06 -12.54 10.33
CA TYR A 214 -22.64 -13.48 9.38
C TYR A 214 -23.86 -14.21 9.93
N LEU A 215 -23.73 -14.86 11.11
CA LEU A 215 -24.78 -15.62 11.76
C LEU A 215 -26.04 -14.80 12.05
N GLU A 216 -25.88 -13.52 12.43
CA GLU A 216 -27.02 -12.63 12.68
C GLU A 216 -27.75 -12.27 11.40
N LEU A 217 -27.00 -12.14 10.29
CA LEU A 217 -27.61 -11.86 8.99
C LEU A 217 -28.41 -13.08 8.54
N MET A 218 -27.94 -14.29 8.91
CA MET A 218 -28.62 -15.53 8.54
C MET A 218 -29.73 -15.97 9.51
N LYS A 219 -30.15 -15.09 10.44
CA LYS A 219 -31.26 -15.38 11.36
C LYS A 219 -32.57 -15.25 10.60
N THR A 220 -32.54 -14.43 9.53
CA THR A 220 -33.62 -14.21 8.57
C THR A 220 -33.22 -14.88 7.24
N SER A 221 -34.18 -15.07 6.32
CA SER A 221 -33.98 -15.72 5.02
C SER A 221 -32.86 -15.10 4.17
N TYR A 222 -32.00 -15.97 3.57
CA TYR A 222 -30.87 -15.57 2.72
C TYR A 222 -31.35 -14.78 1.49
N ASN A 223 -30.93 -13.50 1.40
CA ASN A 223 -31.30 -12.59 0.33
C ASN A 223 -30.11 -12.23 -0.58
N VAL A 224 -30.03 -12.87 -1.78
CA VAL A 224 -28.98 -12.65 -2.80
C VAL A 224 -29.07 -11.22 -3.37
N ASP A 225 -30.24 -10.56 -3.21
CA ASP A 225 -30.44 -9.18 -3.64
C ASP A 225 -29.73 -8.23 -2.65
N ASP A 226 -29.45 -8.72 -1.40
CA ASP A 226 -28.76 -7.97 -0.36
C ASP A 226 -27.24 -8.07 -0.56
N SER A 227 -26.59 -6.90 -0.64
CA SER A 227 -25.15 -6.75 -0.85
C SER A 227 -24.38 -7.34 0.33
N ASP A 228 -24.86 -7.05 1.54
CA ASP A 228 -24.28 -7.51 2.80
C ASP A 228 -24.33 -9.02 2.93
N HIS A 229 -25.47 -9.64 2.56
CA HIS A 229 -25.61 -11.11 2.62
C HIS A 229 -24.54 -11.81 1.77
N ARG A 230 -24.39 -11.40 0.48
CA ARG A 230 -23.41 -11.96 -0.45
C ARG A 230 -21.98 -11.74 0.03
N GLN A 231 -21.64 -10.47 0.41
CA GLN A 231 -20.31 -10.13 0.92
C GLN A 231 -19.94 -10.92 2.17
N MET A 232 -20.86 -11.01 3.13
CA MET A 232 -20.59 -11.79 4.35
C MET A 232 -20.37 -13.28 4.03
N THR A 233 -21.08 -13.83 3.02
CA THR A 233 -20.92 -15.22 2.57
C THR A 233 -19.52 -15.36 1.94
N MET A 234 -19.13 -14.40 1.08
CA MET A 234 -17.81 -14.35 0.45
C MET A 234 -16.72 -14.32 1.55
N ASP A 235 -16.89 -13.45 2.58
CA ASP A 235 -15.93 -13.33 3.70
C ASP A 235 -15.80 -14.63 4.48
N VAL A 236 -16.93 -15.28 4.76
CA VAL A 236 -16.97 -16.55 5.47
C VAL A 236 -16.27 -17.68 4.69
N LEU A 237 -16.44 -17.71 3.34
CA LEU A 237 -15.79 -18.71 2.52
C LEU A 237 -14.25 -18.50 2.44
N MET A 238 -13.81 -17.24 2.30
CA MET A 238 -12.39 -16.89 2.32
C MET A 238 -11.80 -17.35 3.67
N LYS A 239 -12.49 -16.98 4.77
CA LYS A 239 -12.07 -17.39 6.13
C LYS A 239 -12.02 -18.90 6.27
N ALA A 240 -13.06 -19.62 5.78
CA ALA A 240 -13.13 -21.08 5.84
C ALA A 240 -11.98 -21.72 5.06
N GLY A 241 -11.65 -21.15 3.89
CA GLY A 241 -10.52 -21.63 3.11
C GLY A 241 -9.24 -21.46 3.92
N ASP A 242 -9.09 -20.31 4.59
CA ASP A 242 -7.90 -20.01 5.42
C ASP A 242 -7.67 -20.98 6.61
N ILE A 243 -8.74 -21.43 7.27
CA ILE A 243 -8.66 -22.36 8.42
C ILE A 243 -9.12 -23.77 8.03
N SER A 244 -9.01 -24.11 6.72
CA SER A 244 -9.46 -25.40 6.15
C SER A 244 -8.48 -26.58 6.30
N ASN A 245 -7.21 -26.34 6.73
CA ASN A 245 -6.24 -27.44 6.87
C ASN A 245 -6.73 -28.52 7.85
N VAL A 246 -7.59 -28.14 8.83
CA VAL A 246 -8.16 -29.07 9.81
C VAL A 246 -9.18 -30.02 9.17
N THR A 247 -9.85 -29.59 8.04
CA THR A 247 -10.88 -30.34 7.32
C THR A 247 -10.36 -31.38 6.32
N LYS A 248 -9.02 -31.47 6.11
CA LYS A 248 -8.45 -32.38 5.11
C LYS A 248 -8.14 -33.78 5.65
N PRO A 249 -7.76 -34.78 4.78
CA PRO A 249 -7.35 -36.10 5.32
C PRO A 249 -6.16 -35.94 6.29
N PHE A 250 -6.11 -36.76 7.37
CA PHE A 250 -5.08 -36.65 8.42
C PHE A 250 -3.68 -36.49 7.90
N ASP A 251 -3.24 -37.28 6.90
CA ASP A 251 -1.87 -37.13 6.37
C ASP A 251 -1.61 -35.69 5.88
N ILE A 252 -2.56 -35.11 5.13
CA ILE A 252 -2.47 -33.74 4.59
C ILE A 252 -2.50 -32.71 5.74
N SER A 253 -3.50 -32.83 6.64
CA SER A 253 -3.69 -31.96 7.79
C SER A 253 -2.40 -31.90 8.65
N ARG A 254 -1.74 -33.06 8.87
CA ARG A 254 -0.51 -33.19 9.64
C ARG A 254 0.65 -32.43 8.98
N GLN A 255 0.76 -32.50 7.64
CA GLN A 255 1.82 -31.81 6.91
C GLN A 255 1.67 -30.27 7.00
N TRP A 256 0.43 -29.75 6.97
CA TRP A 256 0.16 -28.31 7.15
C TRP A 256 0.48 -27.93 8.63
N ALA A 257 0.16 -28.85 9.57
CA ALA A 257 0.41 -28.66 11.00
C ALA A 257 1.91 -28.46 11.26
N MET A 258 2.76 -29.29 10.63
CA MET A 258 4.23 -29.23 10.71
C MET A 258 4.78 -27.93 10.09
N ALA A 259 4.18 -27.49 8.97
CA ALA A 259 4.58 -26.26 8.26
C ALA A 259 4.30 -25.01 9.11
N VAL A 260 3.07 -24.92 9.65
CA VAL A 260 2.67 -23.76 10.48
C VAL A 260 3.48 -23.74 11.78
N THR A 261 3.83 -24.92 12.31
CA THR A 261 4.63 -25.07 13.55
C THR A 261 6.00 -24.45 13.34
N GLU A 262 6.70 -24.83 12.25
CA GLU A 262 8.03 -24.36 11.90
C GLU A 262 8.06 -22.86 11.64
N GLU A 263 7.02 -22.34 10.94
CA GLU A 263 6.95 -20.91 10.70
C GLU A 263 6.78 -20.14 12.01
N PHE A 264 5.85 -20.60 12.86
CA PHE A 264 5.56 -19.98 14.16
C PHE A 264 6.79 -19.97 15.06
N TYR A 265 7.54 -21.10 15.06
CA TYR A 265 8.76 -21.27 15.86
C TYR A 265 9.85 -20.31 15.40
N ARG A 266 9.99 -20.07 14.07
CA ARG A 266 10.92 -19.09 13.52
C ARG A 266 10.55 -17.67 13.98
N GLN A 267 9.25 -17.36 14.09
CA GLN A 267 8.83 -16.04 14.59
C GLN A 267 9.29 -15.87 16.04
N GLY A 268 9.01 -16.88 16.86
CA GLY A 268 9.40 -16.91 18.27
C GLY A 268 10.88 -16.75 18.49
N ASP A 269 11.71 -17.41 17.65
CA ASP A 269 13.18 -17.30 17.69
C ASP A 269 13.61 -15.87 17.40
N MET A 270 13.00 -15.21 16.39
CA MET A 270 13.28 -13.82 16.04
C MET A 270 12.87 -12.85 17.15
N GLU A 271 11.78 -13.15 17.86
CA GLU A 271 11.29 -12.36 19.00
C GLU A 271 12.25 -12.46 20.15
N LYS A 272 12.77 -13.69 20.43
CA LYS A 272 13.77 -13.97 21.49
C LYS A 272 15.03 -13.17 21.20
N GLU A 273 15.49 -13.16 19.93
CA GLU A 273 16.66 -12.40 19.52
C GLU A 273 16.44 -10.86 19.64
N ARG A 274 15.18 -10.39 19.53
CA ARG A 274 14.84 -8.95 19.60
C ARG A 274 14.46 -8.44 20.99
N GLY A 275 14.37 -9.34 21.96
CA GLY A 275 13.98 -9.03 23.33
C GLY A 275 12.52 -8.64 23.50
N VAL A 276 11.64 -9.09 22.57
CA VAL A 276 10.18 -8.83 22.63
C VAL A 276 9.46 -10.08 23.15
N GLU A 277 8.24 -9.89 23.68
CA GLU A 277 7.37 -10.94 24.24
C GLU A 277 7.18 -12.12 23.27
N VAL A 278 7.25 -13.37 23.80
CA VAL A 278 7.02 -14.61 23.02
C VAL A 278 5.86 -15.39 23.68
N LEU A 279 4.84 -15.77 22.89
CA LEU A 279 3.71 -16.57 23.37
C LEU A 279 4.10 -18.06 23.27
N PRO A 280 3.59 -18.94 24.17
CA PRO A 280 4.01 -20.36 24.13
C PRO A 280 3.93 -21.06 22.77
N MET A 281 2.92 -20.72 21.96
CA MET A 281 2.68 -21.27 20.63
C MET A 281 3.85 -21.03 19.64
N PHE A 282 4.67 -20.00 19.88
CA PHE A 282 5.79 -19.59 19.06
C PHE A 282 7.17 -19.97 19.66
N ASP A 283 7.18 -20.80 20.72
CA ASP A 283 8.40 -21.21 21.44
C ASP A 283 9.02 -22.53 20.94
N ARG A 284 10.16 -22.45 20.25
CA ARG A 284 10.89 -23.55 19.61
C ARG A 284 11.63 -24.44 20.60
N SER A 285 12.53 -23.83 21.42
CA SER A 285 13.37 -24.49 22.44
C SER A 285 12.52 -25.26 23.47
N LYS A 286 11.53 -24.58 24.11
CA LYS A 286 10.59 -25.25 25.01
C LYS A 286 9.67 -26.00 24.04
N ASN A 287 9.04 -27.11 24.46
CA ASN A 287 8.25 -27.78 23.47
C ASN A 287 6.92 -28.35 23.91
N MET A 288 5.92 -28.07 23.04
CA MET A 288 4.53 -28.46 23.07
C MET A 288 4.31 -29.49 21.95
N GLU A 289 3.52 -30.54 22.22
CA GLU A 289 3.19 -31.58 21.25
C GLU A 289 2.29 -31.00 20.16
N LEU A 290 2.58 -31.36 18.90
CA LEU A 290 1.82 -30.93 17.71
C LEU A 290 0.31 -31.23 17.90
N ALA A 291 -0.02 -32.42 18.44
CA ALA A 291 -1.38 -32.87 18.75
C ALA A 291 -2.14 -31.85 19.62
N LYS A 292 -1.48 -31.34 20.68
CA LYS A 292 -2.05 -30.34 21.61
C LYS A 292 -2.41 -29.02 20.90
N GLY A 293 -1.51 -28.53 20.06
CA GLY A 293 -1.72 -27.30 19.30
C GLY A 293 -2.94 -27.40 18.42
N GLN A 294 -3.03 -28.49 17.65
CA GLN A 294 -4.13 -28.80 16.75
C GLN A 294 -5.48 -28.98 17.47
N ILE A 295 -5.51 -29.71 18.62
CA ILE A 295 -6.73 -29.94 19.40
C ILE A 295 -7.30 -28.59 19.91
N GLY A 296 -6.42 -27.75 20.45
CA GLY A 296 -6.78 -26.41 20.93
C GLY A 296 -7.32 -25.57 19.79
N PHE A 297 -6.63 -25.62 18.63
CA PHE A 297 -7.02 -24.89 17.41
C PHE A 297 -8.42 -25.30 16.95
N ILE A 298 -8.65 -26.61 16.87
CA ILE A 298 -9.95 -27.16 16.53
C ILE A 298 -11.04 -26.75 17.55
N ASP A 299 -10.83 -27.04 18.87
CA ASP A 299 -11.86 -26.77 19.89
C ASP A 299 -12.33 -25.32 20.03
N PHE A 300 -11.42 -24.36 20.07
CA PHE A 300 -11.78 -22.95 20.30
C PHE A 300 -11.96 -22.12 19.02
N VAL A 301 -11.51 -22.63 17.87
CA VAL A 301 -11.64 -21.85 16.65
C VAL A 301 -12.34 -22.64 15.51
N ALA A 302 -11.64 -23.63 14.91
CA ALA A 302 -12.06 -24.39 13.73
C ALA A 302 -13.41 -25.14 13.86
N ALA A 303 -13.57 -26.04 14.86
CA ALA A 303 -14.84 -26.76 15.04
C ALA A 303 -16.07 -25.81 15.22
N PRO A 304 -16.11 -24.82 16.17
CA PRO A 304 -17.31 -23.96 16.26
C PRO A 304 -17.56 -23.15 14.98
N PHE A 305 -16.51 -22.74 14.25
CA PHE A 305 -16.67 -21.98 13.02
C PHE A 305 -17.45 -22.78 11.97
N PHE A 306 -16.95 -23.99 11.62
CA PHE A 306 -17.55 -24.85 10.60
C PHE A 306 -18.95 -25.31 10.99
N GLN A 307 -19.13 -25.75 12.26
CA GLN A 307 -20.43 -26.19 12.78
C GLN A 307 -21.51 -25.09 12.67
N LYS A 308 -21.22 -23.85 13.12
CA LYS A 308 -22.14 -22.72 13.07
C LYS A 308 -22.53 -22.30 11.64
N ILE A 309 -21.54 -22.19 10.71
CA ILE A 309 -21.84 -21.76 9.33
C ILE A 309 -22.66 -22.84 8.58
N VAL A 310 -22.38 -24.14 8.84
CA VAL A 310 -23.08 -25.30 8.25
C VAL A 310 -24.57 -25.30 8.69
N ASP A 311 -24.80 -25.21 10.01
CA ASP A 311 -26.14 -25.20 10.61
C ASP A 311 -26.93 -23.95 10.25
N ALA A 312 -26.25 -22.80 10.11
CA ALA A 312 -26.96 -21.55 9.77
C ALA A 312 -27.41 -21.45 8.31
N CYS A 313 -26.59 -21.92 7.33
CA CYS A 313 -26.92 -21.77 5.91
C CYS A 313 -26.21 -22.76 4.98
N LEU A 314 -24.89 -22.95 5.16
CA LEU A 314 -24.04 -23.76 4.28
C LEU A 314 -24.11 -25.26 4.54
N GLN A 315 -25.35 -25.83 4.50
CA GLN A 315 -25.64 -27.25 4.76
C GLN A 315 -24.80 -28.27 3.95
N GLY A 316 -24.46 -27.93 2.70
CA GLY A 316 -23.66 -28.80 1.83
C GLY A 316 -22.21 -29.00 2.24
N MET A 317 -21.70 -28.11 3.13
CA MET A 317 -20.34 -28.16 3.68
C MET A 317 -20.24 -29.04 4.95
N GLN A 318 -21.22 -29.96 5.19
CA GLN A 318 -21.27 -30.85 6.35
C GLN A 318 -19.98 -31.68 6.53
N TRP A 319 -19.34 -32.13 5.44
CA TRP A 319 -18.11 -32.92 5.49
C TRP A 319 -16.98 -32.22 6.26
N THR A 320 -16.93 -30.86 6.22
CA THR A 320 -15.88 -30.05 6.89
C THR A 320 -15.96 -30.28 8.42
N VAL A 321 -17.20 -30.29 8.96
CA VAL A 321 -17.53 -30.57 10.37
C VAL A 321 -17.05 -32.00 10.71
N ASP A 322 -17.42 -32.99 9.86
CA ASP A 322 -17.07 -34.41 10.00
C ASP A 322 -15.56 -34.63 10.06
N ARG A 323 -14.83 -34.14 9.05
CA ARG A 323 -13.38 -34.34 8.94
C ARG A 323 -12.55 -33.71 10.06
N THR A 324 -12.97 -32.54 10.55
CA THR A 324 -12.33 -31.80 11.65
C THR A 324 -12.39 -32.67 12.94
N LYS A 325 -13.56 -33.27 13.20
CA LYS A 325 -13.83 -34.17 14.34
C LYS A 325 -12.98 -35.44 14.25
N SER A 326 -12.87 -36.02 13.04
CA SER A 326 -12.09 -37.23 12.81
C SER A 326 -10.60 -36.95 13.03
N ASN A 327 -10.14 -35.74 12.61
CA ASN A 327 -8.76 -35.35 12.80
C ASN A 327 -8.50 -35.05 14.28
N ARG A 328 -9.48 -34.44 14.98
CA ARG A 328 -9.39 -34.10 16.42
C ARG A 328 -9.19 -35.40 17.22
N ALA A 329 -9.95 -36.46 16.87
CA ALA A 329 -9.88 -37.79 17.46
C ALA A 329 -8.52 -38.44 17.17
N GLN A 330 -8.01 -38.28 15.95
CA GLN A 330 -6.70 -38.82 15.59
C GLN A 330 -5.55 -38.11 16.38
N TRP A 331 -5.61 -36.77 16.53
CA TRP A 331 -4.58 -36.05 17.31
C TRP A 331 -4.61 -36.46 18.79
N GLU A 332 -5.81 -36.78 19.32
CA GLU A 332 -6.01 -37.25 20.70
C GLU A 332 -5.30 -38.61 20.92
N ARG A 333 -5.30 -39.47 19.89
CA ARG A 333 -4.64 -40.78 19.87
C ARG A 333 -3.12 -40.60 19.88
N VAL A 334 -2.61 -39.58 19.14
CA VAL A 334 -1.19 -39.21 19.02
C VAL A 334 -0.59 -38.95 20.41
N LEU A 335 -1.38 -38.31 21.31
CA LEU A 335 -0.99 -38.02 22.70
C LEU A 335 -0.80 -39.30 23.53
N THR B 6 14.46 -4.06 -9.02
CA THR B 6 15.43 -3.63 -10.00
C THR B 6 16.40 -2.59 -9.45
N ALA B 7 17.70 -2.93 -9.43
CA ALA B 7 18.76 -2.05 -8.95
C ALA B 7 19.04 -0.95 -9.99
N ILE B 8 19.68 0.15 -9.57
CA ILE B 8 20.01 1.27 -10.44
C ILE B 8 21.30 1.00 -11.24
N THR B 9 21.30 1.29 -12.55
CA THR B 9 22.47 1.10 -13.44
C THR B 9 23.55 2.14 -13.15
N ASN B 10 24.82 1.83 -13.46
CA ASN B 10 25.96 2.72 -13.25
C ASN B 10 25.92 3.91 -14.20
N ARG B 11 25.34 3.72 -15.40
CA ARG B 11 25.14 4.75 -16.41
C ARG B 11 24.17 5.83 -15.85
N GLU B 12 23.15 5.39 -15.07
CA GLU B 12 22.16 6.26 -14.40
C GLU B 12 22.82 7.04 -13.25
N ARG B 13 23.55 6.32 -12.36
CA ARG B 13 24.24 6.91 -11.20
C ARG B 13 25.29 7.96 -11.58
N GLU B 14 26.14 7.66 -12.60
CA GLU B 14 27.20 8.55 -13.06
C GLU B 14 26.65 9.81 -13.71
N ALA B 15 25.50 9.70 -14.40
CA ALA B 15 24.81 10.82 -15.06
C ALA B 15 24.44 11.93 -14.06
N VAL B 16 24.10 11.53 -12.82
CA VAL B 16 23.77 12.46 -11.74
C VAL B 16 25.08 13.01 -11.14
N LEU B 17 26.01 12.11 -10.72
CA LEU B 17 27.31 12.47 -10.12
C LEU B 17 28.16 13.48 -10.91
N ARG B 18 28.00 13.53 -12.26
CA ARG B 18 28.76 14.40 -13.16
C ARG B 18 28.18 15.84 -13.31
N ILE B 19 26.99 16.12 -12.72
CA ILE B 19 26.34 17.43 -12.81
C ILE B 19 27.08 18.49 -11.95
N GLU B 20 27.27 19.69 -12.53
CA GLU B 20 27.95 20.84 -11.91
C GLU B 20 27.00 22.04 -11.69
N PHE B 21 27.23 22.81 -10.60
CA PHE B 21 26.45 24.02 -10.26
C PHE B 21 27.40 25.23 -10.05
N PRO B 22 27.84 25.90 -11.13
CA PRO B 22 28.79 27.02 -10.96
C PRO B 22 28.17 28.37 -10.59
N ASN B 23 27.20 28.86 -11.39
CA ASN B 23 26.54 30.16 -11.22
C ASN B 23 25.22 30.11 -10.41
N VAL B 24 24.83 28.92 -9.92
CA VAL B 24 23.58 28.76 -9.15
C VAL B 24 23.84 28.26 -7.71
N ASP B 25 23.02 28.73 -6.77
CA ASP B 25 23.09 28.33 -5.36
C ASP B 25 21.79 27.60 -4.99
N VAL B 26 21.89 26.28 -4.78
CA VAL B 26 20.73 25.44 -4.47
C VAL B 26 20.16 25.69 -3.05
N THR B 27 20.89 26.44 -2.18
CA THR B 27 20.43 26.78 -0.81
C THR B 27 19.71 28.15 -0.73
N ASP B 28 19.61 28.88 -1.85
CA ASP B 28 19.03 30.24 -1.87
C ASP B 28 17.52 30.29 -2.13
N ILE B 29 16.84 31.29 -1.54
CA ILE B 29 15.39 31.50 -1.73
C ILE B 29 15.05 31.93 -3.18
N ASP B 30 16.01 32.55 -3.91
CA ASP B 30 15.82 32.95 -5.32
C ASP B 30 16.13 31.84 -6.33
N PHE B 31 16.62 30.66 -5.88
CA PHE B 31 16.98 29.52 -6.74
C PHE B 31 15.86 29.18 -7.73
N ASP B 32 16.24 29.08 -9.02
CA ASP B 32 15.33 28.82 -10.11
C ASP B 32 15.46 27.42 -10.69
N LEU B 33 14.51 26.54 -10.33
CA LEU B 33 14.47 25.17 -10.82
C LEU B 33 14.12 25.13 -12.31
N PHE B 34 13.23 26.04 -12.81
CA PHE B 34 12.86 26.13 -14.23
C PHE B 34 14.08 26.48 -15.10
N GLN B 35 14.95 27.41 -14.61
CA GLN B 35 16.20 27.79 -15.28
C GLN B 35 17.18 26.60 -15.27
N ALA B 36 17.26 25.87 -14.13
CA ALA B 36 18.12 24.70 -13.97
C ALA B 36 17.71 23.58 -14.92
N ARG B 37 16.39 23.43 -15.16
CA ARG B 37 15.83 22.41 -16.06
C ARG B 37 16.13 22.74 -17.54
N GLU B 38 15.94 24.02 -17.93
CA GLU B 38 16.15 24.54 -19.28
C GLU B 38 17.62 24.61 -19.72
N SER B 39 18.57 24.58 -18.77
CA SER B 39 20.01 24.65 -19.03
C SER B 39 20.58 23.42 -19.79
N THR B 40 20.14 22.20 -19.46
CA THR B 40 20.62 20.97 -20.14
C THR B 40 19.46 20.18 -20.75
N ASP B 41 19.78 19.25 -21.69
CA ASP B 41 18.82 18.34 -22.34
C ASP B 41 18.42 17.16 -21.43
N LYS B 42 19.04 17.05 -20.24
CA LYS B 42 18.71 16.02 -19.24
C LYS B 42 18.24 16.70 -17.91
N PRO B 43 17.05 17.32 -17.88
CA PRO B 43 16.60 17.99 -16.64
C PRO B 43 16.36 17.05 -15.45
N LEU B 44 16.06 15.75 -15.71
CA LEU B 44 15.85 14.77 -14.65
C LEU B 44 17.13 14.51 -13.85
N ASP B 45 18.30 14.51 -14.54
CA ASP B 45 19.61 14.33 -13.89
C ASP B 45 19.99 15.58 -13.08
N VAL B 46 19.70 16.79 -13.60
CA VAL B 46 19.96 18.05 -12.89
C VAL B 46 19.10 18.07 -11.59
N ALA B 47 17.80 17.72 -11.69
CA ALA B 47 16.86 17.67 -10.57
C ALA B 47 17.33 16.73 -9.48
N ALA B 48 17.81 15.52 -9.88
CA ALA B 48 18.31 14.53 -8.94
C ALA B 48 19.59 15.03 -8.29
N ALA B 49 20.46 15.74 -9.07
CA ALA B 49 21.69 16.32 -8.55
C ALA B 49 21.44 17.45 -7.57
N ILE B 50 20.34 18.22 -7.76
CA ILE B 50 19.99 19.30 -6.85
C ILE B 50 19.68 18.68 -5.49
N ALA B 51 18.76 17.70 -5.43
CA ALA B 51 18.42 17.05 -4.16
C ALA B 51 19.65 16.37 -3.51
N TYR B 52 20.48 15.67 -4.32
CA TYR B 52 21.68 14.94 -3.90
C TYR B 52 22.74 15.82 -3.21
N ARG B 53 23.16 16.90 -3.88
CA ARG B 53 24.19 17.82 -3.37
C ARG B 53 23.67 18.68 -2.22
N LEU B 54 22.36 18.99 -2.26
CA LEU B 54 21.67 19.75 -1.22
C LEU B 54 21.68 18.93 0.06
N LEU B 55 21.40 17.61 -0.04
CA LEU B 55 21.40 16.72 1.11
C LEU B 55 22.79 16.43 1.65
N LEU B 56 23.76 16.11 0.77
CA LEU B 56 25.15 15.85 1.18
C LEU B 56 25.82 17.10 1.74
N GLY B 57 25.45 18.26 1.22
CA GLY B 57 25.95 19.56 1.66
C GLY B 57 25.47 19.97 3.03
N SER B 58 24.31 19.44 3.45
CA SER B 58 23.73 19.73 4.77
C SER B 58 24.50 19.04 5.91
N GLY B 59 25.17 17.93 5.59
CA GLY B 59 25.94 17.14 6.54
C GLY B 59 25.07 16.15 7.31
N LEU B 60 23.75 16.19 7.08
CA LEU B 60 22.76 15.34 7.72
C LEU B 60 22.89 13.85 7.31
N PRO B 61 22.98 13.46 6.01
CA PRO B 61 23.13 12.03 5.69
C PRO B 61 24.30 11.36 6.40
N GLN B 62 25.48 12.03 6.39
CA GLN B 62 26.73 11.59 7.01
C GLN B 62 26.59 11.43 8.53
N LYS B 63 25.87 12.37 9.19
CA LYS B 63 25.65 12.32 10.63
C LYS B 63 24.80 11.09 11.05
N PHE B 64 23.80 10.73 10.23
CA PHE B 64 22.89 9.63 10.55
C PHE B 64 23.25 8.31 9.85
N GLY B 65 24.51 8.21 9.43
CA GLY B 65 25.10 7.03 8.80
C GLY B 65 24.49 6.60 7.48
N CYS B 66 24.08 7.58 6.65
CA CYS B 66 23.51 7.31 5.32
C CYS B 66 24.64 7.56 4.33
N SER B 67 25.18 6.50 3.70
CA SER B 67 26.27 6.64 2.72
C SER B 67 25.81 7.45 1.50
N ASP B 68 26.78 8.01 0.75
CA ASP B 68 26.55 8.79 -0.46
C ASP B 68 25.79 7.97 -1.50
N GLU B 69 26.13 6.67 -1.60
CA GLU B 69 25.56 5.72 -2.56
C GLU B 69 24.11 5.39 -2.24
N VAL B 70 23.80 5.15 -0.94
CA VAL B 70 22.45 4.84 -0.46
C VAL B 70 21.55 6.05 -0.71
N LEU B 71 22.07 7.27 -0.47
CA LEU B 71 21.36 8.52 -0.73
C LEU B 71 21.06 8.65 -2.21
N LEU B 72 22.08 8.38 -3.08
CA LEU B 72 21.91 8.44 -4.53
C LEU B 72 20.91 7.41 -5.03
N ASN B 73 21.01 6.15 -4.54
CA ASN B 73 20.08 5.07 -4.91
C ASN B 73 18.64 5.41 -4.52
N PHE B 74 18.45 5.97 -3.32
CA PHE B 74 17.14 6.41 -2.83
C PHE B 74 16.56 7.53 -3.69
N ILE B 75 17.39 8.53 -4.06
CA ILE B 75 16.93 9.65 -4.90
C ILE B 75 16.48 9.10 -6.26
N LEU B 76 17.25 8.16 -6.81
CA LEU B 76 16.95 7.54 -8.09
C LEU B 76 15.77 6.60 -8.05
N GLN B 77 15.53 5.91 -6.91
CA GLN B 77 14.36 5.02 -6.73
C GLN B 77 13.12 5.90 -6.65
N CYS B 78 13.23 7.04 -5.97
CA CYS B 78 12.14 8.02 -5.90
C CYS B 78 11.76 8.50 -7.28
N ARG B 79 12.77 8.96 -8.07
CA ARG B 79 12.65 9.48 -9.43
C ARG B 79 11.86 8.57 -10.37
N LYS B 80 12.19 7.26 -10.40
CA LYS B 80 11.53 6.26 -11.27
C LYS B 80 10.04 6.10 -10.95
N LYS B 81 9.65 6.45 -9.72
CA LYS B 81 8.28 6.32 -9.24
C LYS B 81 7.43 7.59 -9.53
N TYR B 82 8.06 8.65 -10.11
CA TYR B 82 7.38 9.88 -10.51
C TYR B 82 7.00 9.80 -11.99
N ARG B 83 5.78 10.23 -12.31
CA ARG B 83 5.20 10.19 -13.66
C ARG B 83 5.40 11.49 -14.48
N ASN B 84 5.16 11.43 -15.80
CA ASN B 84 5.24 12.60 -16.66
C ASN B 84 3.83 13.24 -16.70
N VAL B 85 3.55 14.09 -15.69
CA VAL B 85 2.31 14.85 -15.53
C VAL B 85 2.71 16.35 -15.50
N PRO B 86 1.83 17.35 -15.82
CA PRO B 86 2.29 18.74 -15.83
C PRO B 86 2.75 19.32 -14.47
N TYR B 87 2.16 18.89 -13.35
CA TYR B 87 2.55 19.41 -12.05
C TYR B 87 3.19 18.40 -11.10
N HIS B 88 2.48 17.31 -10.72
CA HIS B 88 2.97 16.35 -9.74
C HIS B 88 4.01 15.37 -10.30
N ASN B 89 5.10 15.93 -10.80
CA ASN B 89 6.25 15.18 -11.36
C ASN B 89 7.47 15.32 -10.43
N PHE B 90 8.65 14.74 -10.81
CA PHE B 90 9.87 14.77 -10.01
C PHE B 90 10.35 16.20 -9.67
N TYR B 91 10.13 17.18 -10.57
CA TYR B 91 10.50 18.58 -10.32
C TYR B 91 9.73 19.19 -9.15
N HIS B 92 8.47 18.73 -8.92
CA HIS B 92 7.73 19.23 -7.76
C HIS B 92 8.37 18.82 -6.41
N VAL B 93 8.74 17.53 -6.25
CA VAL B 93 9.30 17.06 -4.97
C VAL B 93 10.70 17.63 -4.71
N VAL B 94 11.49 17.84 -5.78
CA VAL B 94 12.82 18.46 -5.67
C VAL B 94 12.61 19.91 -5.23
N ASP B 95 11.57 20.57 -5.79
CA ASP B 95 11.22 21.94 -5.42
C ASP B 95 10.87 22.03 -3.96
N VAL B 96 9.93 21.16 -3.50
CA VAL B 96 9.48 21.09 -2.10
C VAL B 96 10.69 20.86 -1.19
N CYS B 97 11.58 19.90 -1.56
CA CYS B 97 12.79 19.57 -0.79
C CYS B 97 13.71 20.78 -0.64
N GLN B 98 14.03 21.43 -1.76
CA GLN B 98 14.86 22.64 -1.80
C GLN B 98 14.24 23.75 -0.92
N THR B 99 12.90 23.94 -1.04
CA THR B 99 12.10 24.95 -0.35
C THR B 99 12.11 24.73 1.16
N ILE B 100 11.97 23.46 1.60
CA ILE B 100 12.01 23.12 3.01
C ILE B 100 13.39 23.43 3.60
N TYR B 101 14.48 23.13 2.84
CA TYR B 101 15.84 23.45 3.27
C TYR B 101 15.94 24.96 3.62
N THR B 102 15.34 25.85 2.79
CA THR B 102 15.36 27.31 3.00
C THR B 102 14.58 27.70 4.24
N PHE B 103 13.41 27.03 4.49
CA PHE B 103 12.59 27.29 5.67
C PHE B 103 13.38 26.93 6.91
N LEU B 104 14.07 25.79 6.84
CA LEU B 104 14.90 25.27 7.90
C LEU B 104 16.11 26.13 8.21
N TYR B 105 16.95 26.45 7.21
CA TYR B 105 18.23 27.08 7.47
C TYR B 105 18.23 28.60 7.23
N ARG B 106 17.55 29.13 6.21
CA ARG B 106 17.43 30.60 6.07
C ARG B 106 16.29 31.11 7.00
N GLY B 107 15.24 30.29 7.16
CA GLY B 107 14.12 30.66 8.01
C GLY B 107 14.37 30.33 9.48
N ASN B 108 15.46 29.58 9.77
CA ASN B 108 15.91 29.21 11.12
C ASN B 108 14.94 28.31 11.91
N VAL B 109 14.03 27.59 11.21
CA VAL B 109 13.07 26.68 11.83
C VAL B 109 13.78 25.42 12.38
N TYR B 110 15.02 25.18 11.92
CA TYR B 110 15.85 24.07 12.39
C TYR B 110 16.05 24.09 13.90
N GLU B 111 16.02 25.30 14.50
CA GLU B 111 16.17 25.53 15.94
C GLU B 111 14.97 25.02 16.75
N LYS B 112 13.87 24.63 16.07
CA LYS B 112 12.65 24.11 16.69
C LYS B 112 12.58 22.57 16.58
N LEU B 113 13.59 21.98 15.93
CA LEU B 113 13.65 20.55 15.66
C LEU B 113 15.02 19.94 16.00
N THR B 114 15.06 18.61 16.04
CA THR B 114 16.29 17.85 16.23
C THR B 114 16.91 17.72 14.85
N GLU B 115 18.23 17.46 14.76
CA GLU B 115 18.93 17.24 13.50
C GLU B 115 18.32 16.06 12.77
N LEU B 116 17.82 15.02 13.51
CA LEU B 116 17.17 13.83 12.92
C LEU B 116 15.89 14.23 12.19
N GLU B 117 15.07 15.10 12.81
CA GLU B 117 13.82 15.61 12.24
C GLU B 117 14.05 16.44 10.98
N CYS B 118 15.14 17.26 10.95
CA CYS B 118 15.53 18.05 9.76
C CYS B 118 15.86 17.12 8.59
N PHE B 119 16.61 16.02 8.87
CA PHE B 119 17.00 15.02 7.87
C PHE B 119 15.77 14.32 7.34
N VAL B 120 14.87 13.90 8.26
CA VAL B 120 13.62 13.21 7.95
C VAL B 120 12.77 14.10 7.05
N LEU B 121 12.65 15.42 7.38
CA LEU B 121 11.89 16.40 6.59
C LEU B 121 12.36 16.49 5.14
N LEU B 122 13.70 16.65 4.93
CA LEU B 122 14.29 16.73 3.60
C LEU B 122 14.08 15.42 2.80
N ILE B 123 14.23 14.27 3.48
CA ILE B 123 13.99 12.94 2.90
C ILE B 123 12.49 12.77 2.51
N THR B 124 11.57 13.08 3.44
CA THR B 124 10.11 13.01 3.28
C THR B 124 9.63 13.84 2.07
N ALA B 125 10.20 15.04 1.91
CA ALA B 125 9.88 15.93 0.80
C ALA B 125 10.00 15.18 -0.55
N LEU B 126 11.01 14.32 -0.68
CA LEU B 126 11.25 13.55 -1.89
C LEU B 126 10.26 12.39 -2.09
N VAL B 127 9.68 11.86 -1.01
CA VAL B 127 8.71 10.74 -1.12
C VAL B 127 7.24 11.20 -1.09
N HIS B 128 6.97 12.44 -0.66
CA HIS B 128 5.62 12.91 -0.32
C HIS B 128 4.54 12.80 -1.45
N ASP B 129 4.92 12.72 -2.74
CA ASP B 129 3.95 12.55 -3.86
C ASP B 129 4.23 11.34 -4.78
N LEU B 130 4.94 10.30 -4.27
CA LEU B 130 5.29 9.12 -5.09
C LEU B 130 4.10 8.52 -5.90
N ASP B 131 4.31 8.33 -7.22
CA ASP B 131 3.33 7.73 -8.14
C ASP B 131 2.04 8.55 -8.29
N HIS B 132 2.14 9.87 -8.09
CA HIS B 132 1.00 10.75 -8.34
C HIS B 132 0.71 10.69 -9.86
N MET B 133 -0.55 10.46 -10.23
CA MET B 133 -0.97 10.33 -11.63
C MET B 133 -1.57 11.65 -12.19
N GLY B 134 -1.41 12.72 -11.42
CA GLY B 134 -1.93 14.02 -11.79
C GLY B 134 -3.44 14.11 -11.60
N LEU B 135 -3.98 13.27 -10.69
CA LEU B 135 -5.40 13.21 -10.34
C LEU B 135 -5.55 13.34 -8.82
N ASN B 136 -6.59 14.05 -8.36
CA ASN B 136 -6.80 14.27 -6.94
C ASN B 136 -7.53 13.10 -6.24
N ASN B 137 -7.55 13.07 -4.89
CA ASN B 137 -8.24 12.00 -4.12
C ASN B 137 -9.69 11.85 -4.53
N SER B 138 -10.37 13.00 -4.78
CA SER B 138 -11.78 13.01 -5.20
C SER B 138 -11.96 12.20 -6.47
N PHE B 139 -11.02 12.30 -7.44
CA PHE B 139 -11.12 11.56 -8.71
C PHE B 139 -11.32 10.06 -8.46
N TYR B 140 -10.46 9.50 -7.60
CA TYR B 140 -10.46 8.09 -7.21
C TYR B 140 -11.74 7.63 -6.60
N LEU B 141 -12.33 8.43 -5.70
CA LEU B 141 -13.61 8.11 -5.04
C LEU B 141 -14.78 8.20 -6.02
N LYS B 142 -14.86 9.31 -6.78
CA LYS B 142 -15.94 9.54 -7.73
C LYS B 142 -16.03 8.46 -8.80
N THR B 143 -14.86 8.08 -9.37
CA THR B 143 -14.76 7.07 -10.43
C THR B 143 -14.74 5.63 -9.89
N GLU B 144 -14.70 5.46 -8.54
CA GLU B 144 -14.57 4.16 -7.88
C GLU B 144 -13.39 3.35 -8.41
N SER B 145 -12.27 4.03 -8.59
CA SER B 145 -11.05 3.43 -9.08
C SER B 145 -10.47 2.52 -8.01
N PRO B 146 -9.65 1.48 -8.34
CA PRO B 146 -9.12 0.58 -7.28
C PRO B 146 -8.55 1.26 -6.03
N LEU B 147 -7.70 2.29 -6.16
CA LEU B 147 -7.11 2.95 -4.99
C LEU B 147 -8.15 3.62 -4.08
N GLY B 148 -9.23 4.09 -4.72
CA GLY B 148 -10.34 4.74 -4.03
C GLY B 148 -11.11 3.73 -3.22
N ILE B 149 -11.40 2.56 -3.83
CA ILE B 149 -12.08 1.45 -3.20
C ILE B 149 -11.22 0.96 -2.02
N LEU B 150 -9.93 0.72 -2.25
CA LEU B 150 -8.98 0.28 -1.23
C LEU B 150 -8.99 1.26 -0.02
N SER B 151 -8.96 2.57 -0.28
CA SER B 151 -9.02 3.62 0.75
C SER B 151 -10.33 3.55 1.56
N SER B 152 -11.50 3.48 0.87
CA SER B 152 -12.82 3.39 1.50
C SER B 152 -13.00 2.14 2.38
N ALA B 153 -12.50 0.98 1.90
CA ALA B 153 -12.60 -0.29 2.61
C ALA B 153 -11.70 -0.37 3.85
N SER B 154 -10.48 0.18 3.75
CA SER B 154 -9.47 0.21 4.83
C SER B 154 -9.74 1.27 5.91
N GLY B 155 -10.44 2.36 5.54
CA GLY B 155 -10.79 3.43 6.49
C GLY B 155 -10.06 4.76 6.41
N ASN B 156 -9.05 4.89 5.54
CA ASN B 156 -8.33 6.17 5.42
C ASN B 156 -8.63 6.88 4.12
N LYS B 157 -9.43 7.95 4.20
CA LYS B 157 -9.90 8.75 3.06
C LYS B 157 -8.79 9.54 2.32
N SER B 158 -7.56 9.63 2.88
CA SER B 158 -6.44 10.29 2.20
C SER B 158 -5.87 9.26 1.20
N VAL B 159 -6.60 9.03 0.10
CA VAL B 159 -6.32 8.04 -0.97
C VAL B 159 -4.85 8.00 -1.39
N LEU B 160 -4.34 9.09 -1.95
CA LEU B 160 -3.00 9.19 -2.46
C LEU B 160 -1.96 9.21 -1.37
N GLU B 161 -2.25 9.91 -0.24
CA GLU B 161 -1.26 10.07 0.83
C GLU B 161 -0.87 8.74 1.46
N VAL B 162 -1.86 7.84 1.62
CA VAL B 162 -1.61 6.49 2.14
C VAL B 162 -0.75 5.73 1.11
N HIS B 163 -1.07 5.86 -0.18
CA HIS B 163 -0.34 5.26 -1.29
C HIS B 163 1.13 5.75 -1.37
N HIS B 164 1.37 7.06 -1.18
CA HIS B 164 2.73 7.63 -1.18
C HIS B 164 3.57 6.99 -0.05
N CYS B 165 2.97 6.87 1.16
CA CYS B 165 3.56 6.26 2.36
C CYS B 165 3.93 4.81 2.09
N ASN B 166 3.00 4.05 1.45
CA ASN B 166 3.19 2.66 1.08
C ASN B 166 4.42 2.50 0.22
N LEU B 167 4.57 3.38 -0.80
CA LEU B 167 5.71 3.30 -1.71
C LEU B 167 7.01 3.76 -1.05
N ALA B 168 6.94 4.77 -0.14
CA ALA B 168 8.11 5.24 0.60
C ALA B 168 8.65 4.06 1.44
N VAL B 169 7.77 3.36 2.19
CA VAL B 169 8.14 2.17 3.00
C VAL B 169 8.78 1.09 2.12
N GLU B 170 8.22 0.88 0.91
CA GLU B 170 8.74 -0.09 -0.07
C GLU B 170 10.17 0.26 -0.53
N ILE B 171 10.42 1.55 -0.84
CA ILE B 171 11.74 2.04 -1.28
C ILE B 171 12.74 1.82 -0.14
N LEU B 172 12.33 2.17 1.10
CA LEU B 172 13.19 2.08 2.29
C LEU B 172 13.45 0.63 2.74
N SER B 173 12.62 -0.34 2.30
CA SER B 173 12.77 -1.77 2.64
C SER B 173 14.05 -2.35 2.00
N ASP B 174 14.45 -1.85 0.79
CA ASP B 174 15.67 -2.26 0.12
C ASP B 174 16.85 -1.57 0.83
N PRO B 175 17.78 -2.34 1.48
CA PRO B 175 18.88 -1.69 2.22
C PRO B 175 19.77 -0.76 1.40
N GLU B 176 19.88 -0.98 0.07
CA GLU B 176 20.67 -0.14 -0.85
C GLU B 176 20.07 1.27 -1.01
N SER B 177 18.77 1.43 -0.72
CA SER B 177 18.08 2.71 -0.78
C SER B 177 17.44 3.10 0.58
N ASP B 178 17.87 2.44 1.68
CA ASP B 178 17.36 2.73 3.03
C ASP B 178 18.18 3.85 3.69
N VAL B 179 17.74 5.11 3.50
CA VAL B 179 18.40 6.30 4.08
C VAL B 179 18.30 6.35 5.63
N PHE B 180 17.43 5.50 6.21
CA PHE B 180 17.27 5.36 7.66
C PHE B 180 17.99 4.10 8.19
N GLY B 181 18.69 3.40 7.29
CA GLY B 181 19.43 2.17 7.57
C GLY B 181 20.64 2.28 8.48
N GLY B 182 21.16 3.49 8.67
CA GLY B 182 22.29 3.76 9.56
C GLY B 182 21.87 4.10 10.97
N LEU B 183 20.55 4.21 11.20
CA LEU B 183 19.97 4.58 12.49
C LEU B 183 19.73 3.40 13.41
N GLU B 184 19.87 3.64 14.72
CA GLU B 184 19.61 2.67 15.78
C GLU B 184 18.10 2.44 15.84
N GLY B 185 17.68 1.37 16.51
CA GLY B 185 16.28 0.99 16.67
C GLY B 185 15.31 2.12 16.96
N ALA B 186 15.50 2.85 18.09
CA ALA B 186 14.67 3.96 18.54
C ALA B 186 14.64 5.15 17.56
N GLU B 187 15.82 5.47 16.96
CA GLU B 187 15.97 6.54 15.97
C GLU B 187 15.22 6.15 14.67
N ARG B 188 15.16 4.83 14.36
CA ARG B 188 14.44 4.33 13.18
C ARG B 188 12.93 4.50 13.32
N THR B 189 12.36 4.19 14.52
CA THR B 189 10.92 4.33 14.80
C THR B 189 10.52 5.79 14.61
N LEU B 190 11.32 6.70 15.20
CA LEU B 190 11.16 8.15 15.11
C LEU B 190 11.09 8.60 13.63
N ALA B 191 12.10 8.20 12.84
CA ALA B 191 12.25 8.50 11.41
C ALA B 191 11.07 8.07 10.56
N PHE B 192 10.67 6.77 10.64
CA PHE B 192 9.54 6.24 9.87
C PHE B 192 8.23 6.88 10.31
N ARG B 193 8.01 7.02 11.64
CA ARG B 193 6.81 7.63 12.19
C ARG B 193 6.63 9.08 11.75
N SER B 194 7.69 9.92 11.88
CA SER B 194 7.64 11.33 11.48
C SER B 194 7.43 11.50 9.98
N MET B 195 8.06 10.62 9.16
CA MET B 195 7.95 10.65 7.70
C MET B 195 6.52 10.37 7.27
N ILE B 196 5.93 9.29 7.80
CA ILE B 196 4.57 8.89 7.52
C ILE B 196 3.58 9.97 7.97
N ASP B 197 3.72 10.49 9.22
CA ASP B 197 2.85 11.57 9.72
C ASP B 197 2.89 12.80 8.81
N CYS B 198 4.10 13.24 8.38
CA CYS B 198 4.30 14.38 7.48
C CYS B 198 3.59 14.22 6.14
N VAL B 199 3.68 13.04 5.53
CA VAL B 199 3.02 12.74 4.23
C VAL B 199 1.50 12.70 4.45
N LEU B 200 1.05 12.15 5.58
CA LEU B 200 -0.39 12.09 5.84
C LEU B 200 -0.95 13.50 6.06
N ALA B 201 -0.09 14.41 6.57
CA ALA B 201 -0.43 15.81 6.79
C ALA B 201 -0.60 16.64 5.51
N THR B 202 -0.12 16.13 4.34
CA THR B 202 -0.15 16.88 3.07
C THR B 202 -1.54 16.89 2.41
N ASP B 203 -2.50 16.06 2.89
CA ASP B 203 -3.84 16.00 2.32
C ASP B 203 -4.56 17.31 2.56
N MET B 204 -4.83 18.06 1.48
CA MET B 204 -5.42 19.39 1.57
C MET B 204 -6.85 19.38 2.10
N ALA B 205 -7.49 18.21 2.15
CA ALA B 205 -8.81 18.06 2.79
C ALA B 205 -8.69 18.29 4.32
N ARG B 206 -7.47 18.16 4.88
CA ARG B 206 -7.18 18.33 6.30
C ARG B 206 -6.36 19.62 6.55
N HIS B 207 -6.35 20.56 5.58
CA HIS B 207 -5.58 21.81 5.66
C HIS B 207 -5.89 22.60 6.94
N SER B 208 -7.16 22.98 7.16
CA SER B 208 -7.57 23.75 8.35
C SER B 208 -7.34 23.03 9.67
N GLU B 209 -7.49 21.69 9.67
CA GLU B 209 -7.29 20.84 10.83
C GLU B 209 -5.83 20.91 11.27
N PHE B 210 -4.88 20.80 10.32
CA PHE B 210 -3.46 20.89 10.67
C PHE B 210 -3.04 22.30 11.09
N LEU B 211 -3.51 23.33 10.37
CA LEU B 211 -3.23 24.74 10.67
C LEU B 211 -3.76 25.09 12.05
N GLU B 212 -5.07 24.83 12.31
CA GLU B 212 -5.72 25.09 13.61
C GLU B 212 -5.02 24.37 14.78
N LYS B 213 -4.72 23.06 14.64
CA LYS B 213 -4.04 22.27 15.65
C LYS B 213 -2.65 22.84 15.98
N TYR B 214 -1.92 23.34 14.94
CA TYR B 214 -0.60 23.97 15.11
C TYR B 214 -0.76 25.27 15.90
N LEU B 215 -1.70 26.13 15.47
CA LEU B 215 -1.98 27.44 16.07
C LEU B 215 -2.44 27.33 17.53
N GLU B 216 -3.31 26.34 17.86
CA GLU B 216 -3.77 26.11 19.23
C GLU B 216 -2.61 25.63 20.12
N LEU B 217 -1.75 24.77 19.57
CA LEU B 217 -0.57 24.27 20.28
C LEU B 217 0.42 25.41 20.54
N MET B 218 0.65 26.30 19.54
CA MET B 218 1.58 27.46 19.65
C MET B 218 1.09 28.54 20.62
N LYS B 219 -0.22 28.53 20.97
CA LYS B 219 -0.81 29.47 21.92
C LYS B 219 -0.21 29.21 23.31
N THR B 220 -0.10 27.92 23.69
CA THR B 220 0.50 27.51 24.97
C THR B 220 2.02 27.31 24.82
N VAL B 224 7.64 24.64 23.75
CA VAL B 224 8.25 23.51 24.45
C VAL B 224 8.70 22.43 23.46
N ASP B 225 9.89 21.84 23.69
CA ASP B 225 10.44 20.79 22.84
C ASP B 225 9.97 19.39 23.27
N ASP B 226 8.71 19.07 22.90
CA ASP B 226 8.09 17.76 23.08
C ASP B 226 7.77 17.18 21.71
N SER B 227 7.71 15.84 21.61
CA SER B 227 7.44 15.09 20.38
C SER B 227 6.22 15.61 19.58
N ASP B 228 5.10 15.91 20.25
CA ASP B 228 3.87 16.44 19.64
C ASP B 228 4.10 17.82 19.02
N HIS B 229 4.77 18.74 19.78
CA HIS B 229 5.10 20.10 19.31
C HIS B 229 5.95 20.02 18.06
N ARG B 230 7.05 19.23 18.11
CA ARG B 230 7.96 19.02 16.99
C ARG B 230 7.27 18.37 15.79
N GLN B 231 6.38 17.36 16.00
CA GLN B 231 5.68 16.73 14.87
C GLN B 231 4.81 17.76 14.11
N MET B 232 4.12 18.63 14.87
CA MET B 232 3.25 19.66 14.29
C MET B 232 4.04 20.65 13.44
N THR B 233 5.25 21.04 13.90
CA THR B 233 6.18 21.93 13.19
C THR B 233 6.65 21.22 11.89
N MET B 234 7.01 19.92 11.99
CA MET B 234 7.40 19.15 10.79
C MET B 234 6.21 19.11 9.79
N ASP B 235 5.01 18.82 10.29
CA ASP B 235 3.79 18.76 9.49
C ASP B 235 3.54 20.09 8.80
N VAL B 236 3.68 21.20 9.55
CA VAL B 236 3.47 22.54 9.02
C VAL B 236 4.50 22.87 7.95
N LEU B 237 5.79 22.54 8.16
CA LEU B 237 6.84 22.73 7.16
C LEU B 237 6.60 21.92 5.88
N MET B 238 6.09 20.68 6.01
CA MET B 238 5.79 19.84 4.84
C MET B 238 4.65 20.51 4.04
N LYS B 239 3.57 20.92 4.72
CA LYS B 239 2.44 21.65 4.11
C LYS B 239 2.89 22.99 3.49
N ALA B 240 3.75 23.74 4.22
CA ALA B 240 4.30 25.03 3.78
C ALA B 240 5.08 24.82 2.47
N GLY B 241 5.84 23.73 2.38
CA GLY B 241 6.55 23.38 1.17
C GLY B 241 5.56 23.14 0.03
N ASP B 242 4.47 22.41 0.32
CA ASP B 242 3.44 22.09 -0.69
C ASP B 242 2.72 23.29 -1.26
N ILE B 243 2.52 24.33 -0.46
CA ILE B 243 1.81 25.52 -0.96
C ILE B 243 2.78 26.73 -1.07
N SER B 244 4.08 26.44 -1.23
CA SER B 244 5.13 27.44 -1.32
C SER B 244 5.32 28.12 -2.67
N ASN B 245 4.67 27.63 -3.75
CA ASN B 245 4.82 28.21 -5.08
C ASN B 245 4.51 29.71 -5.13
N VAL B 246 3.55 30.18 -4.30
CA VAL B 246 3.16 31.59 -4.22
C VAL B 246 4.23 32.48 -3.52
N THR B 247 5.21 31.87 -2.84
CA THR B 247 6.23 32.57 -2.07
C THR B 247 7.48 32.87 -2.89
N LYS B 248 7.53 32.40 -4.15
CA LYS B 248 8.69 32.48 -5.03
C LYS B 248 8.71 33.75 -5.89
N PRO B 249 9.88 34.15 -6.47
CA PRO B 249 9.88 35.31 -7.39
C PRO B 249 8.84 35.07 -8.48
N PHE B 250 8.09 36.13 -8.85
CA PHE B 250 6.94 36.09 -9.75
C PHE B 250 7.08 35.19 -10.96
N ASP B 251 8.17 35.35 -11.73
CA ASP B 251 8.38 34.54 -12.93
C ASP B 251 8.37 33.02 -12.65
N ILE B 252 8.94 32.62 -11.49
CA ILE B 252 8.95 31.21 -11.04
C ILE B 252 7.49 30.80 -10.65
N SER B 253 6.82 31.61 -9.81
CA SER B 253 5.44 31.34 -9.36
C SER B 253 4.45 31.19 -10.54
N ARG B 254 4.56 32.09 -11.55
CA ARG B 254 3.74 32.05 -12.76
C ARG B 254 3.92 30.70 -13.50
N GLN B 255 5.17 30.18 -13.56
CA GLN B 255 5.47 28.91 -14.23
C GLN B 255 4.83 27.73 -13.47
N TRP B 256 4.87 27.75 -12.11
CA TRP B 256 4.19 26.73 -11.29
C TRP B 256 2.66 26.83 -11.50
N ALA B 257 2.13 28.07 -11.60
CA ALA B 257 0.69 28.35 -11.84
C ALA B 257 0.18 27.77 -13.17
N MET B 258 1.02 27.87 -14.23
CA MET B 258 0.68 27.34 -15.55
C MET B 258 0.65 25.80 -15.49
N ALA B 259 1.63 25.19 -14.79
CA ALA B 259 1.73 23.74 -14.61
C ALA B 259 0.51 23.17 -13.88
N VAL B 260 0.12 23.79 -12.75
CA VAL B 260 -1.03 23.30 -12.00
C VAL B 260 -2.35 23.44 -12.82
N THR B 261 -2.46 24.50 -13.65
CA THR B 261 -3.64 24.78 -14.49
C THR B 261 -3.83 23.65 -15.52
N GLU B 262 -2.74 23.26 -16.20
CA GLU B 262 -2.77 22.19 -17.20
C GLU B 262 -3.06 20.82 -16.58
N GLU B 263 -2.42 20.50 -15.43
CA GLU B 263 -2.70 19.26 -14.73
C GLU B 263 -4.18 19.16 -14.33
N PHE B 264 -4.75 20.24 -13.74
CA PHE B 264 -6.15 20.27 -13.32
C PHE B 264 -7.14 20.12 -14.49
N TYR B 265 -6.86 20.81 -15.62
CA TYR B 265 -7.68 20.69 -16.85
C TYR B 265 -7.63 19.27 -17.41
N ARG B 266 -6.44 18.63 -17.40
CA ARG B 266 -6.24 17.25 -17.83
C ARG B 266 -7.14 16.31 -16.99
N GLN B 267 -7.27 16.62 -15.67
CA GLN B 267 -8.16 15.85 -14.79
C GLN B 267 -9.61 16.03 -15.21
N GLY B 268 -10.06 17.28 -15.36
CA GLY B 268 -11.41 17.59 -15.82
C GLY B 268 -11.75 16.93 -17.14
N ASP B 269 -10.76 16.87 -18.06
CA ASP B 269 -10.91 16.18 -19.37
C ASP B 269 -11.22 14.68 -19.17
N MET B 270 -10.44 14.03 -18.29
CA MET B 270 -10.58 12.61 -17.91
C MET B 270 -11.94 12.33 -17.19
N GLU B 271 -12.38 13.29 -16.37
CA GLU B 271 -13.66 13.19 -15.64
C GLU B 271 -14.85 13.27 -16.61
N LYS B 272 -14.75 14.14 -17.63
CA LYS B 272 -15.77 14.31 -18.67
C LYS B 272 -15.86 13.02 -19.47
N GLU B 273 -14.70 12.38 -19.74
CA GLU B 273 -14.63 11.09 -20.46
C GLU B 273 -15.27 9.97 -19.63
N ARG B 274 -15.21 10.06 -18.29
CA ARG B 274 -15.76 9.03 -17.40
C ARG B 274 -17.19 9.35 -16.89
N GLY B 275 -17.80 10.40 -17.44
CA GLY B 275 -19.14 10.85 -17.09
C GLY B 275 -19.33 11.21 -15.63
N VAL B 276 -18.31 11.85 -15.01
CA VAL B 276 -18.35 12.27 -13.61
C VAL B 276 -18.28 13.81 -13.53
N GLU B 277 -18.68 14.39 -12.38
CA GLU B 277 -18.75 15.83 -12.08
C GLU B 277 -17.41 16.57 -12.26
N VAL B 278 -17.44 17.79 -12.86
CA VAL B 278 -16.26 18.65 -13.07
C VAL B 278 -16.50 20.09 -12.52
N LEU B 279 -15.61 20.57 -11.61
CA LEU B 279 -15.71 21.93 -11.07
C LEU B 279 -14.94 22.93 -11.96
N PRO B 280 -15.33 24.24 -12.04
CA PRO B 280 -14.63 25.18 -12.96
C PRO B 280 -13.09 25.11 -12.98
N MET B 281 -12.47 24.95 -11.80
CA MET B 281 -11.03 24.83 -11.59
C MET B 281 -10.40 23.73 -12.48
N PHE B 282 -11.19 22.69 -12.83
CA PHE B 282 -10.76 21.54 -13.63
C PHE B 282 -11.38 21.54 -15.02
N ASP B 283 -12.15 22.58 -15.33
CA ASP B 283 -12.91 22.73 -16.56
C ASP B 283 -12.28 23.71 -17.55
N ARG B 284 -11.73 23.22 -18.67
CA ARG B 284 -11.08 24.15 -19.60
C ARG B 284 -12.11 24.93 -20.47
N SER B 285 -13.42 24.61 -20.35
CA SER B 285 -14.44 25.35 -21.09
C SER B 285 -14.82 26.67 -20.39
N LYS B 286 -14.66 26.74 -19.04
CA LYS B 286 -14.96 27.95 -18.26
C LYS B 286 -13.94 29.08 -18.57
N ASN B 287 -12.75 28.68 -19.09
CA ASN B 287 -11.62 29.50 -19.54
C ASN B 287 -11.27 30.62 -18.55
N MET B 288 -11.16 30.25 -17.27
CA MET B 288 -10.84 31.15 -16.16
C MET B 288 -9.42 31.71 -16.25
N GLU B 289 -9.26 33.00 -15.88
CA GLU B 289 -7.98 33.69 -15.91
C GLU B 289 -6.99 33.12 -14.89
N LEU B 290 -5.73 32.85 -15.32
CA LEU B 290 -4.65 32.37 -14.45
C LEU B 290 -4.49 33.26 -13.20
N ALA B 291 -4.53 34.61 -13.40
CA ALA B 291 -4.42 35.65 -12.36
C ALA B 291 -5.56 35.49 -11.30
N LYS B 292 -6.80 35.29 -11.75
CA LYS B 292 -7.94 35.11 -10.84
C LYS B 292 -7.81 33.87 -9.96
N GLY B 293 -7.31 32.77 -10.53
CA GLY B 293 -7.09 31.52 -9.80
C GLY B 293 -6.03 31.66 -8.74
N GLN B 294 -4.95 32.39 -9.09
CA GLN B 294 -3.83 32.61 -8.20
C GLN B 294 -4.17 33.59 -7.07
N ILE B 295 -4.91 34.66 -7.37
CA ILE B 295 -5.38 35.63 -6.37
C ILE B 295 -6.34 34.89 -5.38
N GLY B 296 -7.20 34.01 -5.92
CA GLY B 296 -8.12 33.18 -5.13
C GLY B 296 -7.40 32.24 -4.21
N PHE B 297 -6.44 31.48 -4.76
CA PHE B 297 -5.60 30.57 -3.99
C PHE B 297 -4.88 31.31 -2.85
N ILE B 298 -4.28 32.46 -3.18
CA ILE B 298 -3.60 33.27 -2.15
C ILE B 298 -4.61 33.73 -1.06
N ASP B 299 -5.76 34.29 -1.48
CA ASP B 299 -6.74 34.84 -0.54
C ASP B 299 -7.38 33.79 0.38
N PHE B 300 -7.78 32.68 -0.19
CA PHE B 300 -8.49 31.65 0.54
C PHE B 300 -7.57 30.63 1.23
N VAL B 301 -6.34 30.42 0.72
CA VAL B 301 -5.44 29.39 1.30
C VAL B 301 -4.09 29.92 1.77
N ALA B 302 -3.18 30.28 0.82
CA ALA B 302 -1.79 30.58 1.09
C ALA B 302 -1.52 31.79 1.98
N ALA B 303 -2.01 33.00 1.64
CA ALA B 303 -1.78 34.20 2.47
C ALA B 303 -2.19 33.96 3.92
N PRO B 304 -3.41 33.47 4.27
CA PRO B 304 -3.71 33.21 5.70
C PRO B 304 -2.75 32.21 6.34
N PHE B 305 -2.44 31.10 5.65
CA PHE B 305 -1.56 30.07 6.18
C PHE B 305 -0.19 30.63 6.58
N PHE B 306 0.51 31.27 5.63
CA PHE B 306 1.82 31.85 5.88
C PHE B 306 1.75 32.95 6.94
N GLN B 307 0.80 33.89 6.81
CA GLN B 307 0.62 34.99 7.78
C GLN B 307 0.45 34.40 9.21
N LYS B 308 -0.47 33.42 9.38
CA LYS B 308 -0.74 32.79 10.68
C LYS B 308 0.45 32.01 11.28
N ILE B 309 1.19 31.19 10.50
CA ILE B 309 2.32 30.40 11.06
C ILE B 309 3.52 31.31 11.44
N VAL B 310 3.78 32.34 10.61
CA VAL B 310 4.87 33.29 10.86
C VAL B 310 4.57 34.08 12.16
N ASP B 311 3.36 34.68 12.25
CA ASP B 311 2.93 35.46 13.43
C ASP B 311 2.90 34.67 14.73
N ALA B 312 2.54 33.39 14.64
CA ALA B 312 2.46 32.52 15.79
C ALA B 312 3.82 32.06 16.30
N CYS B 313 4.74 31.68 15.39
CA CYS B 313 6.03 31.12 15.82
C CYS B 313 7.17 31.29 14.84
N LEU B 314 6.90 31.20 13.54
CA LEU B 314 7.94 31.15 12.52
C LEU B 314 8.33 32.53 11.98
N GLN B 315 8.78 33.40 12.89
CA GLN B 315 9.23 34.76 12.61
C GLN B 315 10.25 34.84 11.46
N GLY B 316 11.18 33.88 11.39
CA GLY B 316 12.20 33.81 10.34
C GLY B 316 11.68 33.61 8.93
N MET B 317 10.45 33.08 8.79
CA MET B 317 9.85 32.86 7.49
C MET B 317 9.03 34.06 7.00
N GLN B 318 9.25 35.25 7.60
CA GLN B 318 8.57 36.50 7.20
C GLN B 318 8.56 36.73 5.66
N TRP B 319 9.67 36.43 4.96
CA TRP B 319 9.75 36.63 3.50
C TRP B 319 8.60 35.96 2.75
N THR B 320 8.13 34.79 3.23
CA THR B 320 7.00 34.07 2.61
C THR B 320 5.75 34.96 2.53
N VAL B 321 5.47 35.74 3.60
CA VAL B 321 4.35 36.68 3.68
C VAL B 321 4.56 37.83 2.68
N ASP B 322 5.78 38.41 2.69
CA ASP B 322 6.13 39.52 1.79
C ASP B 322 5.99 39.14 0.33
N ARG B 323 6.50 37.96 -0.07
CA ARG B 323 6.44 37.55 -1.49
C ARG B 323 5.03 37.14 -1.92
N THR B 324 4.25 36.52 -1.00
CA THR B 324 2.85 36.21 -1.27
C THR B 324 2.10 37.53 -1.62
N LYS B 325 2.28 38.59 -0.78
CA LYS B 325 1.69 39.92 -0.93
C LYS B 325 2.11 40.54 -2.27
N SER B 326 3.42 40.50 -2.58
CA SER B 326 4.03 41.03 -3.80
C SER B 326 3.46 40.30 -5.04
N ASN B 327 3.37 38.97 -4.98
CA ASN B 327 2.81 38.14 -6.04
C ASN B 327 1.31 38.43 -6.28
N ARG B 328 0.50 38.53 -5.20
CA ARG B 328 -0.92 38.91 -5.33
C ARG B 328 -1.05 40.27 -6.03
N ALA B 329 -0.18 41.26 -5.66
CA ALA B 329 -0.19 42.58 -6.28
C ALA B 329 0.13 42.47 -7.78
N GLN B 330 1.12 41.62 -8.14
CA GLN B 330 1.49 41.43 -9.55
C GLN B 330 0.38 40.73 -10.35
N TRP B 331 -0.36 39.75 -9.74
CA TRP B 331 -1.47 39.10 -10.46
C TRP B 331 -2.60 40.11 -10.68
N GLU B 332 -2.83 41.05 -9.72
CA GLU B 332 -3.86 42.08 -9.89
C GLU B 332 -3.56 42.97 -11.11
N ARG B 333 -2.27 43.28 -11.35
CA ARG B 333 -1.81 44.10 -12.50
C ARG B 333 -1.97 43.33 -13.82
N VAL B 334 -1.72 42.00 -13.81
CA VAL B 334 -1.95 41.12 -14.98
C VAL B 334 -3.44 41.19 -15.39
N LEU B 335 -4.37 41.16 -14.40
CA LEU B 335 -5.83 41.25 -14.57
C LEU B 335 -6.27 42.59 -15.17
N GLU B 336 -5.59 43.69 -14.79
CA GLU B 336 -5.88 45.06 -15.27
C GLU B 336 -4.84 45.56 -16.29
#